data_4K3K
#
_entry.id   4K3K
#
_cell.length_a   41.027
_cell.length_b   64.693
_cell.length_c   71.789
_cell.angle_alpha   74.660
_cell.angle_beta   83.220
_cell.angle_gamma   85.180
#
_symmetry.space_group_name_H-M   'P 1'
#
loop_
_entity.id
_entity.type
_entity.pdbx_description
1 polymer 'DNA polymerase III subunit beta'
2 non-polymer 'CALCIUM ION'
3 non-polymer 'TETRAETHYLENE GLYCOL'
4 non-polymer DI(HYDROXYETHYL)ETHER
5 non-polymer N-(4-methylpentanoyl)-L-phenylalanine
6 non-polymer 'CHLORIDE ION'
7 water water
#
_entity_poly.entity_id   1
_entity_poly.type   'polypeptide(L)'
_entity_poly.pdbx_seq_one_letter_code
;MKFTVEREHLLKPLQQVSGPLGGRPTLPILGNLLLQVADGTLSLTGTDLEMEMVARVALVQPHEPGATTVPARKFFDICR
GLPEGAEIAVQLEGERMLVRSGRSRFSLSTLPAADFPNLDDWQSEVEFTLPQATMKRLIEATQFSMAHQDVRYYLNGMLF
ETEGEELRTVATDGHRLAVCSMPIGQSLPSHSVIVPRKGVIELMRMLDGGDNPLRVQIGSNNIRAHVGDFIFTSKLVDGR
FPDYRRVLPKNPDKHLEAGCDLLKQAFARAAILSNEKFRGVRLYVSENQLKITANNPEQEEAEEILDVTYSGAEMEIGFN
VSYVLDVLNALKCENVRMMLTDSVSSVQIEDAASQSAAYVVMPMRL
;
_entity_poly.pdbx_strand_id   A,B
#
loop_
_chem_comp.id
_chem_comp.type
_chem_comp.name
_chem_comp.formula
CA non-polymer 'CALCIUM ION' 'Ca 2'
CL non-polymer 'CHLORIDE ION' 'Cl -1'
PEG non-polymer DI(HYDROXYETHYL)ETHER 'C4 H10 O3'
PG4 non-polymer 'TETRAETHYLENE GLYCOL' 'C8 H18 O5'
SFK non-polymer N-(4-methylpentanoyl)-L-phenylalanine 'C15 H21 N O3'
#
# COMPACT_ATOMS: atom_id res chain seq x y z
N MET A 1 -20.27 26.44 -23.37
CA MET A 1 -19.22 25.39 -23.53
C MET A 1 -19.89 24.04 -23.66
N LYS A 2 -19.55 23.32 -24.72
CA LYS A 2 -20.14 22.03 -25.00
C LYS A 2 -19.11 21.18 -25.73
N PHE A 3 -18.96 19.93 -25.32
CA PHE A 3 -18.13 18.99 -26.08
C PHE A 3 -18.57 17.56 -25.82
N THR A 4 -18.25 16.67 -26.75
CA THR A 4 -18.47 15.24 -26.59
C THR A 4 -17.17 14.57 -26.96
N VAL A 5 -16.67 13.71 -26.09
CA VAL A 5 -15.36 13.09 -26.27
C VAL A 5 -15.37 11.67 -25.71
N GLU A 6 -14.60 10.77 -26.33
CA GLU A 6 -14.41 9.43 -25.77
C GLU A 6 -13.72 9.51 -24.42
N ARG A 7 -14.25 8.76 -23.46
CA ARG A 7 -13.61 8.58 -22.15
C ARG A 7 -12.12 8.26 -22.32
N GLU A 8 -11.83 7.44 -23.32
CA GLU A 8 -10.48 6.99 -23.60
C GLU A 8 -9.50 8.15 -23.75
N HIS A 9 -9.91 9.20 -24.44
CA HIS A 9 -9.06 10.36 -24.70
C HIS A 9 -8.89 11.27 -23.48
N LEU A 10 -9.77 11.15 -22.48
CA LEU A 10 -9.69 11.97 -21.24
C LEU A 10 -8.89 11.36 -20.10
N LEU A 11 -8.72 10.03 -20.11
CA LEU A 11 -8.16 9.33 -18.94
C LEU A 11 -6.75 9.79 -18.55
N LYS A 12 -5.81 9.73 -19.49
CA LYS A 12 -4.44 10.13 -19.20
C LYS A 12 -4.33 11.64 -18.92
N PRO A 13 -4.96 12.48 -19.75
CA PRO A 13 -4.99 13.90 -19.42
C PRO A 13 -5.49 14.20 -18.00
N LEU A 14 -6.58 13.58 -17.58
CA LEU A 14 -7.13 13.81 -16.25
C LEU A 14 -6.19 13.35 -15.13
N GLN A 15 -5.56 12.20 -15.31
CA GLN A 15 -4.61 11.65 -14.34
C GLN A 15 -3.46 12.63 -14.05
N GLN A 16 -2.94 13.23 -15.12
CA GLN A 16 -1.78 14.13 -15.00
C GLN A 16 -2.11 15.48 -14.35
N VAL A 17 -3.29 16.01 -14.64
CA VAL A 17 -3.67 17.33 -14.11
C VAL A 17 -4.32 17.32 -12.73
N SER A 18 -4.72 16.15 -12.25
CA SER A 18 -5.38 16.03 -10.94
C SER A 18 -4.38 15.84 -9.80
N LEU A 27 -7.57 26.89 -0.66
CA LEU A 27 -8.44 27.75 -1.46
C LEU A 27 -9.28 26.91 -2.42
N PRO A 28 -10.61 26.84 -2.18
CA PRO A 28 -11.51 25.92 -2.90
C PRO A 28 -11.25 25.78 -4.40
N ILE A 29 -11.03 26.90 -5.10
CA ILE A 29 -10.84 26.89 -6.55
C ILE A 29 -9.60 26.08 -6.99
N LEU A 30 -8.65 25.89 -6.08
CA LEU A 30 -7.48 25.07 -6.36
C LEU A 30 -7.80 23.59 -6.38
N GLY A 31 -8.97 23.21 -5.86
CA GLY A 31 -9.46 21.84 -5.97
C GLY A 31 -10.21 21.58 -7.28
N ASN A 32 -10.32 22.61 -8.12
CA ASN A 32 -11.03 22.51 -9.38
C ASN A 32 -10.10 22.47 -10.58
N LEU A 33 -10.55 21.80 -11.65
CA LEU A 33 -9.87 21.85 -12.94
C LEU A 33 -10.48 22.95 -13.79
N LEU A 34 -9.64 23.69 -14.49
CA LEU A 34 -10.11 24.60 -15.51
C LEU A 34 -10.30 23.80 -16.78
N LEU A 35 -11.51 23.88 -17.34
CA LEU A 35 -11.81 23.32 -18.64
C LEU A 35 -12.05 24.47 -19.62
N GLN A 36 -11.35 24.44 -20.76
CA GLN A 36 -11.47 25.47 -21.79
C GLN A 36 -11.59 24.82 -23.15
N VAL A 37 -12.67 25.14 -23.86
CA VAL A 37 -12.84 24.72 -25.25
C VAL A 37 -12.54 25.91 -26.15
N ALA A 38 -11.56 25.75 -27.03
CA ALA A 38 -11.19 26.80 -27.99
C ALA A 38 -10.37 26.20 -29.12
N ASP A 39 -10.60 26.69 -30.34
CA ASP A 39 -9.81 26.28 -31.52
C ASP A 39 -9.71 24.76 -31.67
N GLY A 40 -10.84 24.07 -31.51
CA GLY A 40 -10.92 22.63 -31.74
C GLY A 40 -10.26 21.80 -30.65
N THR A 41 -10.03 22.40 -29.50
CA THR A 41 -9.25 21.78 -28.44
C THR A 41 -9.92 21.95 -27.10
N LEU A 42 -9.88 20.90 -26.29
CA LEU A 42 -10.21 20.98 -24.88
C LEU A 42 -8.90 21.05 -24.11
N SER A 43 -8.74 22.10 -23.31
CA SER A 43 -7.59 22.20 -22.41
C SER A 43 -8.05 21.95 -20.97
N LEU A 44 -7.23 21.22 -20.22
CA LEU A 44 -7.52 20.93 -18.82
C LEU A 44 -6.32 21.38 -17.98
N THR A 45 -6.56 22.23 -16.98
CA THR A 45 -5.50 22.76 -16.13
C THR A 45 -5.79 22.54 -14.65
N GLY A 46 -4.79 22.03 -13.93
CA GLY A 46 -4.83 21.91 -12.48
C GLY A 46 -3.66 22.65 -11.90
N THR A 47 -3.86 23.27 -10.74
CA THR A 47 -2.81 24.08 -10.10
C THR A 47 -2.92 24.12 -8.57
N ASP A 48 -1.81 24.45 -7.92
CA ASP A 48 -1.79 24.67 -6.47
C ASP A 48 -1.14 26.01 -6.10
N LEU A 49 -1.08 26.92 -7.08
CA LEU A 49 -0.40 28.23 -6.98
C LEU A 49 1.13 28.14 -7.14
N GLU A 50 1.74 27.04 -6.72
CA GLU A 50 3.18 26.85 -6.86
C GLU A 50 3.53 26.17 -8.18
N MET A 51 2.62 25.32 -8.68
CA MET A 51 2.83 24.65 -9.96
C MET A 51 1.52 24.45 -10.69
N GLU A 52 1.61 24.18 -11.98
CA GLU A 52 0.43 23.89 -12.79
C GLU A 52 0.74 22.86 -13.86
N MET A 53 -0.26 22.05 -14.19
CA MET A 53 -0.18 21.09 -15.28
C MET A 53 -1.33 21.41 -16.25
N VAL A 54 -0.99 21.49 -17.54
CA VAL A 54 -1.97 21.72 -18.59
C VAL A 54 -1.93 20.53 -19.54
N ALA A 55 -3.10 20.00 -19.89
CA ALA A 55 -3.21 18.95 -20.89
C ALA A 55 -4.22 19.35 -21.95
N ARG A 56 -4.00 18.92 -23.18
CA ARG A 56 -4.87 19.25 -24.31
C ARG A 56 -5.44 17.99 -24.94
N VAL A 57 -6.70 18.06 -25.37
CA VAL A 57 -7.37 16.99 -26.08
C VAL A 57 -8.04 17.58 -27.33
N ALA A 58 -7.85 16.92 -28.46
CA ALA A 58 -8.47 17.34 -29.71
C ALA A 58 -9.96 17.01 -29.69
N LEU A 59 -10.78 17.89 -30.26
CA LEU A 59 -12.25 17.72 -30.30
C LEU A 59 -12.77 17.64 -31.73
N VAL A 60 -13.12 16.44 -32.17
CA VAL A 60 -13.60 16.25 -33.54
C VAL A 60 -15.13 16.32 -33.63
N GLN A 61 -15.80 15.98 -32.54
CA GLN A 61 -17.26 16.00 -32.50
C GLN A 61 -17.71 17.45 -32.34
N PRO A 62 -18.97 17.75 -32.72
CA PRO A 62 -19.41 19.15 -32.60
C PRO A 62 -19.16 19.67 -31.19
N HIS A 63 -18.77 20.93 -31.10
CA HIS A 63 -18.42 21.53 -29.82
C HIS A 63 -18.66 23.03 -29.87
N GLU A 64 -18.72 23.61 -28.68
CA GLU A 64 -18.93 25.05 -28.53
C GLU A 64 -17.90 25.61 -27.57
N PRO A 65 -17.33 26.78 -27.89
CA PRO A 65 -16.26 27.33 -27.08
C PRO A 65 -16.78 27.85 -25.76
N GLY A 66 -15.87 27.99 -24.80
CA GLY A 66 -16.21 28.52 -23.50
C GLY A 66 -15.34 27.87 -22.45
N ALA A 67 -15.55 28.23 -21.20
CA ALA A 67 -14.75 27.69 -20.12
C ALA A 67 -15.47 27.77 -18.78
N THR A 68 -15.10 26.86 -17.89
CA THR A 68 -15.61 26.80 -16.54
C THR A 68 -14.62 26.01 -15.71
N THR A 69 -14.86 25.91 -14.41
CA THR A 69 -14.07 25.03 -13.55
C THR A 69 -14.97 24.12 -12.73
N VAL A 70 -14.49 22.91 -12.48
CA VAL A 70 -15.24 21.89 -11.76
C VAL A 70 -14.34 21.13 -10.80
N PRO A 71 -14.90 20.53 -9.74
CA PRO A 71 -14.13 19.71 -8.79
C PRO A 71 -13.32 18.63 -9.49
N ALA A 72 -11.99 18.70 -9.36
CA ALA A 72 -11.08 17.85 -10.12
C ALA A 72 -11.28 16.36 -9.84
N ARG A 73 -11.25 15.99 -8.56
CA ARG A 73 -11.30 14.58 -8.17
C ARG A 73 -12.64 13.96 -8.57
N LYS A 74 -13.74 14.63 -8.26
CA LYS A 74 -15.07 14.15 -8.64
C LYS A 74 -15.21 13.94 -10.15
N PHE A 75 -14.77 14.93 -10.93
CA PHE A 75 -14.85 14.83 -12.39
C PHE A 75 -14.01 13.66 -12.90
N PHE A 76 -12.79 13.54 -12.37
CA PHE A 76 -11.91 12.44 -12.73
C PHE A 76 -12.55 11.10 -12.38
N ASP A 77 -13.05 10.99 -11.16
CA ASP A 77 -13.63 9.73 -10.68
C ASP A 77 -14.87 9.33 -11.50
N ILE A 78 -15.68 10.31 -11.88
CA ILE A 78 -16.83 10.07 -12.74
C ILE A 78 -16.39 9.53 -14.08
N CYS A 79 -15.45 10.22 -14.72
CA CYS A 79 -14.96 9.77 -16.03
C CYS A 79 -14.33 8.38 -15.94
N ARG A 80 -13.50 8.16 -14.93
CA ARG A 80 -12.85 6.87 -14.70
C ARG A 80 -13.88 5.78 -14.38
N GLY A 81 -14.94 6.17 -13.68
CA GLY A 81 -15.99 5.25 -13.24
C GLY A 81 -16.90 4.76 -14.33
N LEU A 82 -16.96 5.48 -15.45
CA LEU A 82 -17.76 5.07 -16.61
C LEU A 82 -17.12 3.87 -17.32
N PRO A 83 -17.94 3.10 -18.06
CA PRO A 83 -17.42 1.88 -18.70
C PRO A 83 -16.43 2.16 -19.81
N GLU A 84 -15.56 1.19 -20.06
CA GLU A 84 -14.64 1.27 -21.20
C GLU A 84 -15.44 1.46 -22.47
N GLY A 85 -14.97 2.36 -23.33
CA GLY A 85 -15.64 2.69 -24.58
C GLY A 85 -16.71 3.76 -24.48
N ALA A 86 -16.92 4.31 -23.29
CA ALA A 86 -17.96 5.32 -23.07
C ALA A 86 -17.70 6.60 -23.85
N GLU A 87 -18.77 7.27 -24.26
CA GLU A 87 -18.73 8.61 -24.82
C GLU A 87 -19.18 9.55 -23.75
N ILE A 88 -18.44 10.64 -23.52
CA ILE A 88 -18.77 11.59 -22.47
C ILE A 88 -19.17 12.93 -23.09
N ALA A 89 -20.42 13.33 -22.85
CA ALA A 89 -20.97 14.58 -23.35
C ALA A 89 -21.03 15.58 -22.21
N VAL A 90 -20.52 16.78 -22.45
CA VAL A 90 -20.45 17.82 -21.43
C VAL A 90 -21.12 19.08 -21.95
N GLN A 91 -21.97 19.71 -21.12
CA GLN A 91 -22.53 21.02 -21.44
C GLN A 91 -22.64 21.88 -20.19
N LEU A 92 -22.34 23.16 -20.34
CA LEU A 92 -22.32 24.11 -19.24
C LEU A 92 -23.70 24.74 -19.13
N GLU A 93 -24.30 24.66 -17.94
CA GLU A 93 -25.60 25.28 -17.69
C GLU A 93 -25.55 26.08 -16.40
N GLY A 94 -25.06 27.31 -16.50
CA GLY A 94 -25.02 28.24 -15.37
C GLY A 94 -24.04 27.85 -14.28
N GLU A 95 -24.57 27.59 -13.09
CA GLU A 95 -23.74 27.22 -11.94
C GLU A 95 -23.40 25.74 -11.92
N ARG A 96 -23.92 24.98 -12.89
CA ARG A 96 -23.64 23.55 -12.97
C ARG A 96 -23.04 23.18 -14.32
N MET A 97 -22.28 22.10 -14.32
CA MET A 97 -21.79 21.50 -15.56
C MET A 97 -22.40 20.12 -15.66
N LEU A 98 -23.11 19.87 -16.75
CA LEU A 98 -23.77 18.58 -16.95
C LEU A 98 -22.80 17.62 -17.65
N VAL A 99 -22.75 16.39 -17.16
CA VAL A 99 -21.95 15.33 -17.76
C VAL A 99 -22.87 14.15 -18.03
N ARG A 100 -22.91 13.66 -19.27
CA ARG A 100 -23.78 12.56 -19.66
C ARG A 100 -23.02 11.48 -20.40
N SER A 101 -23.35 10.24 -20.09
CA SER A 101 -22.83 9.09 -20.81
C SER A 101 -23.77 7.90 -20.60
N GLY A 102 -24.27 7.33 -21.69
CA GLY A 102 -25.30 6.30 -21.64
C GLY A 102 -26.50 6.83 -20.86
N ARG A 103 -26.92 6.09 -19.85
CA ARG A 103 -27.99 6.56 -18.97
CA ARG A 103 -27.99 6.50 -18.96
C ARG A 103 -27.43 6.91 -17.59
N SER A 104 -26.22 7.48 -17.60
CA SER A 104 -25.59 8.01 -16.40
C SER A 104 -25.52 9.53 -16.58
N ARG A 105 -26.05 10.27 -15.60
CA ARG A 105 -26.08 11.72 -15.67
C ARG A 105 -25.56 12.34 -14.38
N PHE A 106 -24.77 13.41 -14.53
CA PHE A 106 -24.13 14.04 -13.40
C PHE A 106 -24.20 15.55 -13.57
N SER A 107 -24.45 16.25 -12.46
CA SER A 107 -24.43 17.69 -12.42
C SER A 107 -23.40 18.08 -11.36
N LEU A 108 -22.31 18.69 -11.82
CA LEU A 108 -21.24 19.17 -10.93
C LEU A 108 -21.34 20.67 -10.70
N SER A 109 -20.92 21.12 -9.52
CA SER A 109 -20.86 22.54 -9.21
C SER A 109 -19.73 23.16 -10.01
N THR A 110 -19.77 24.47 -10.18
CA THR A 110 -18.71 25.19 -10.91
C THR A 110 -18.28 26.45 -10.18
N LEU A 111 -17.03 26.86 -10.43
CA LEU A 111 -16.58 28.22 -10.12
C LEU A 111 -16.16 28.86 -11.44
N PRO A 112 -16.28 30.20 -11.55
CA PRO A 112 -16.02 30.82 -12.84
C PRO A 112 -14.57 30.69 -13.30
N ALA A 113 -14.38 30.47 -14.60
CA ALA A 113 -13.05 30.37 -15.18
C ALA A 113 -12.23 31.63 -14.93
N ALA A 114 -12.92 32.78 -14.92
CA ALA A 114 -12.33 34.08 -14.61
C ALA A 114 -11.63 34.11 -13.24
N ASP A 115 -12.10 33.31 -12.29
CA ASP A 115 -11.52 33.26 -10.96
C ASP A 115 -10.31 32.35 -10.88
N PHE A 116 -10.10 31.52 -11.90
CA PHE A 116 -9.08 30.49 -11.84
C PHE A 116 -7.67 31.10 -11.78
N PRO A 117 -6.88 30.71 -10.75
CA PRO A 117 -5.53 31.23 -10.61
C PRO A 117 -4.68 31.05 -11.86
N ASN A 118 -4.28 32.18 -12.44
CA ASN A 118 -3.38 32.18 -13.57
C ASN A 118 -1.98 32.47 -13.07
N LEU A 119 -1.09 31.48 -13.14
CA LEU A 119 0.31 31.69 -12.78
C LEU A 119 0.85 32.85 -13.62
N ASP A 120 1.46 33.81 -12.93
CA ASP A 120 1.92 35.05 -13.57
C ASP A 120 2.74 34.74 -14.81
N ASP A 121 2.62 35.57 -15.84
CA ASP A 121 3.44 35.41 -17.03
C ASP A 121 4.91 35.63 -16.65
N TRP A 122 5.78 34.92 -17.34
CA TRP A 122 7.21 34.98 -17.08
C TRP A 122 7.95 34.83 -18.40
N GLN A 123 9.28 34.81 -18.36
CA GLN A 123 10.08 34.77 -19.59
C GLN A 123 11.14 33.67 -19.49
N SER A 124 11.20 32.82 -20.51
CA SER A 124 12.25 31.81 -20.67
C SER A 124 13.64 32.41 -20.89
N GLU A 125 14.63 31.87 -20.18
CA GLU A 125 16.04 32.33 -20.26
C GLU A 125 16.99 31.26 -20.80
N VAL A 126 16.70 29.99 -20.50
CA VAL A 126 17.52 28.87 -20.97
C VAL A 126 16.58 27.79 -21.51
N GLU A 127 16.93 27.21 -22.65
CA GLU A 127 16.06 26.24 -23.30
C GLU A 127 16.84 25.11 -23.93
N PHE A 128 16.31 23.90 -23.82
CA PHE A 128 16.92 22.72 -24.40
C PHE A 128 15.95 21.55 -24.40
N THR A 129 16.23 20.58 -25.27
CA THR A 129 15.46 19.35 -25.37
C THR A 129 16.34 18.20 -24.90
N LEU A 130 15.73 17.21 -24.26
CA LEU A 130 16.47 16.00 -23.86
C LEU A 130 15.54 14.79 -23.81
N PRO A 131 16.13 13.58 -23.90
CA PRO A 131 15.30 12.39 -23.78
C PRO A 131 14.65 12.28 -22.40
N GLN A 132 13.40 11.83 -22.36
CA GLN A 132 12.71 11.51 -21.12
C GLN A 132 13.60 10.71 -20.19
N ALA A 133 14.20 9.66 -20.75
CA ALA A 133 15.06 8.75 -20.00
C ALA A 133 16.21 9.46 -19.30
N THR A 134 16.73 10.51 -19.91
CA THR A 134 17.82 11.28 -19.30
C THR A 134 17.31 12.02 -18.07
N MET A 135 16.16 12.67 -18.18
CA MET A 135 15.55 13.36 -17.03
C MET A 135 15.26 12.37 -15.89
N LYS A 136 14.69 11.22 -16.23
CA LYS A 136 14.42 10.14 -15.25
C LYS A 136 15.68 9.72 -14.50
N ARG A 137 16.73 9.40 -15.25
CA ARG A 137 18.03 9.05 -14.68
C ARG A 137 18.51 10.13 -13.73
N LEU A 138 18.48 11.38 -14.18
CA LEU A 138 18.96 12.50 -13.36
C LEU A 138 18.22 12.62 -12.04
N ILE A 139 16.90 12.54 -12.09
CA ILE A 139 16.07 12.70 -10.90
C ILE A 139 16.20 11.49 -9.96
N GLU A 140 16.09 10.28 -10.50
CA GLU A 140 16.13 9.09 -9.66
CA GLU A 140 16.16 9.05 -9.69
C GLU A 140 17.50 8.92 -9.00
N ALA A 141 18.55 9.41 -9.66
CA ALA A 141 19.90 9.27 -9.13
C ALA A 141 20.12 10.13 -7.89
N THR A 142 19.30 11.17 -7.70
CA THR A 142 19.55 12.17 -6.67
C THR A 142 18.38 12.51 -5.73
N GLN A 143 17.14 12.24 -6.15
CA GLN A 143 15.95 12.71 -5.42
CA GLN A 143 15.96 12.72 -5.42
C GLN A 143 15.92 12.31 -3.95
N PHE A 144 16.41 11.12 -3.64
CA PHE A 144 16.40 10.61 -2.26
C PHE A 144 17.25 11.46 -1.28
N SER A 145 18.19 12.25 -1.79
CA SER A 145 19.08 13.06 -0.94
C SER A 145 18.55 14.48 -0.68
N MET A 146 17.38 14.82 -1.22
CA MET A 146 16.76 16.12 -0.89
C MET A 146 16.36 16.14 0.57
N ALA A 147 16.40 17.33 1.18
CA ALA A 147 15.89 17.51 2.53
C ALA A 147 14.35 17.45 2.55
N HIS A 148 13.80 17.11 3.71
CA HIS A 148 12.35 17.14 3.96
C HIS A 148 12.09 18.16 5.06
N GLN A 149 11.43 19.26 4.71
CA GLN A 149 11.01 20.28 5.68
C GLN A 149 12.17 20.88 6.48
N ASP A 150 13.32 21.02 5.85
CA ASP A 150 14.44 21.75 6.44
C ASP A 150 14.06 23.22 6.50
N VAL A 151 14.51 23.93 7.53
CA VAL A 151 14.30 25.37 7.62
C VAL A 151 15.03 26.10 6.47
N ARG A 152 16.10 25.51 5.96
CA ARG A 152 16.73 25.98 4.73
C ARG A 152 15.92 25.47 3.54
N TYR A 153 14.88 26.23 3.21
CA TYR A 153 13.97 25.95 2.10
C TYR A 153 14.62 25.49 0.80
N TYR A 154 15.76 26.10 0.45
CA TYR A 154 16.48 25.77 -0.79
C TYR A 154 17.07 24.36 -0.82
N LEU A 155 17.13 23.67 0.32
CA LEU A 155 17.54 22.26 0.34
C LEU A 155 16.36 21.30 0.14
N ASN A 156 15.13 21.80 0.30
CA ASN A 156 13.90 21.02 0.07
C ASN A 156 13.54 21.04 -1.41
N GLY A 157 14.45 20.51 -2.21
CA GLY A 157 14.33 20.59 -3.65
C GLY A 157 15.62 20.13 -4.27
N MET A 158 15.76 20.39 -5.55
CA MET A 158 16.83 19.83 -6.34
C MET A 158 17.42 20.89 -7.26
N LEU A 159 18.74 21.00 -7.24
CA LEU A 159 19.44 21.89 -8.14
C LEU A 159 19.48 21.25 -9.52
N PHE A 160 19.11 22.04 -10.53
CA PHE A 160 19.31 21.70 -11.92
C PHE A 160 20.33 22.67 -12.48
N GLU A 161 21.42 22.13 -13.01
CA GLU A 161 22.52 22.96 -13.49
C GLU A 161 22.90 22.57 -14.91
N THR A 162 23.04 23.60 -15.75
CA THR A 162 23.57 23.41 -17.08
C THR A 162 25.04 23.84 -17.06
N GLU A 163 25.89 23.02 -17.67
CA GLU A 163 27.32 23.35 -17.80
C GLU A 163 27.90 22.59 -18.98
N GLY A 164 28.52 23.34 -19.91
CA GLY A 164 29.04 22.73 -21.14
C GLY A 164 27.92 22.07 -21.91
N GLU A 165 28.06 20.76 -22.13
CA GLU A 165 27.02 19.98 -22.81
C GLU A 165 26.22 19.09 -21.87
N GLU A 166 26.36 19.29 -20.56
CA GLU A 166 25.69 18.45 -19.56
C GLU A 166 24.56 19.18 -18.85
N LEU A 167 23.53 18.41 -18.50
CA LEU A 167 22.59 18.81 -17.46
C LEU A 167 22.92 17.98 -16.21
N ARG A 168 22.95 18.66 -15.07
CA ARG A 168 23.33 18.07 -13.80
C ARG A 168 22.24 18.29 -12.76
N THR A 169 22.01 17.29 -11.92
CA THR A 169 21.18 17.47 -10.73
C THR A 169 22.03 17.31 -9.48
N VAL A 170 21.73 18.11 -8.46
CA VAL A 170 22.35 18.00 -7.16
C VAL A 170 21.27 18.05 -6.07
N ALA A 171 21.38 17.17 -5.09
CA ALA A 171 20.47 17.16 -3.96
C ALA A 171 21.25 16.88 -2.68
N THR A 172 20.91 17.58 -1.61
CA THR A 172 21.56 17.34 -0.32
C THR A 172 20.69 17.77 0.84
N ASP A 173 20.91 17.15 2.00
CA ASP A 173 20.20 17.53 3.21
C ASP A 173 21.16 17.96 4.31
N GLY A 174 22.41 18.20 3.95
CA GLY A 174 23.45 18.60 4.90
C GLY A 174 24.23 17.43 5.49
N HIS A 175 23.68 16.22 5.37
CA HIS A 175 24.33 14.99 5.87
C HIS A 175 24.84 14.10 4.75
N ARG A 176 24.09 14.07 3.65
CA ARG A 176 24.50 13.36 2.45
C ARG A 176 24.15 14.17 1.21
N LEU A 177 24.91 13.93 0.14
CA LEU A 177 24.73 14.64 -1.11
C LEU A 177 24.76 13.66 -2.27
N ALA A 178 23.95 13.95 -3.29
CA ALA A 178 23.96 13.19 -4.52
C ALA A 178 24.12 14.15 -5.69
N VAL A 179 24.94 13.78 -6.66
CA VAL A 179 25.12 14.55 -7.88
C VAL A 179 25.15 13.60 -9.07
N CYS A 180 24.46 13.99 -10.14
CA CYS A 180 24.42 13.20 -11.37
C CYS A 180 24.50 14.14 -12.57
N SER A 181 25.35 13.81 -13.54
CA SER A 181 25.50 14.62 -14.76
C SER A 181 25.26 13.75 -15.98
N MET A 182 24.56 14.28 -16.96
CA MET A 182 24.24 13.55 -18.19
C MET A 182 24.45 14.45 -19.40
N PRO A 183 24.86 13.84 -20.53
CA PRO A 183 25.05 14.59 -21.76
C PRO A 183 23.74 14.94 -22.43
N ILE A 184 23.62 16.15 -22.95
CA ILE A 184 22.47 16.49 -23.78
C ILE A 184 22.86 16.89 -25.21
N GLY A 185 24.16 16.97 -25.50
CA GLY A 185 24.63 17.09 -26.88
C GLY A 185 24.46 18.45 -27.52
N GLN A 186 24.29 19.48 -26.69
CA GLN A 186 24.20 20.86 -27.13
C GLN A 186 25.12 21.65 -26.22
N SER A 187 25.85 22.62 -26.77
CA SER A 187 26.56 23.59 -25.95
C SER A 187 25.51 24.43 -25.21
N LEU A 188 25.63 24.52 -23.89
CA LEU A 188 24.64 25.18 -23.03
C LEU A 188 25.26 26.31 -22.22
N PRO A 189 24.46 27.33 -21.86
CA PRO A 189 24.98 28.37 -20.98
C PRO A 189 25.14 27.83 -19.57
N SER A 190 26.08 28.38 -18.81
CA SER A 190 26.25 27.98 -17.42
C SER A 190 25.15 28.61 -16.58
N HIS A 191 24.36 27.78 -15.92
CA HIS A 191 23.18 28.25 -15.23
C HIS A 191 22.73 27.24 -14.19
N SER A 192 22.12 27.70 -13.11
CA SER A 192 21.55 26.80 -12.14
C SER A 192 20.33 27.38 -11.42
N VAL A 193 19.36 26.50 -11.16
CA VAL A 193 18.11 26.85 -10.50
C VAL A 193 17.72 25.73 -9.53
N ILE A 194 16.88 26.06 -8.57
CA ILE A 194 16.40 25.09 -7.59
C ILE A 194 14.91 24.84 -7.82
N VAL A 195 14.58 23.58 -8.09
CA VAL A 195 13.20 23.17 -8.27
C VAL A 195 12.71 22.60 -6.93
N PRO A 196 11.56 23.08 -6.43
CA PRO A 196 11.08 22.57 -5.15
C PRO A 196 10.69 21.09 -5.23
N ARG A 197 10.76 20.39 -4.10
CA ARG A 197 10.57 18.93 -4.12
C ARG A 197 9.24 18.48 -4.74
N LYS A 198 8.15 19.20 -4.47
CA LYS A 198 6.86 18.87 -5.06
C LYS A 198 6.91 18.97 -6.59
N GLY A 199 7.62 19.99 -7.09
CA GLY A 199 7.87 20.13 -8.52
C GLY A 199 8.69 18.99 -9.10
N VAL A 200 9.71 18.56 -8.37
CA VAL A 200 10.53 17.43 -8.80
C VAL A 200 9.67 16.16 -8.94
N ILE A 201 8.80 15.94 -7.95
CA ILE A 201 7.92 14.78 -7.94
C ILE A 201 6.96 14.79 -9.13
N GLU A 202 6.33 15.93 -9.40
CA GLU A 202 5.41 16.03 -10.55
C GLU A 202 6.15 15.93 -11.88
N LEU A 203 7.36 16.46 -11.95
CA LEU A 203 8.18 16.32 -13.15
C LEU A 203 8.49 14.85 -13.42
N MET A 204 8.83 14.11 -12.37
CA MET A 204 9.08 12.68 -12.50
C MET A 204 7.81 11.97 -12.97
N ARG A 205 6.68 12.35 -12.39
CA ARG A 205 5.39 11.73 -12.67
C ARG A 205 4.95 11.86 -14.13
N MET A 206 5.34 12.95 -14.78
CA MET A 206 4.94 13.18 -16.17
C MET A 206 5.73 12.35 -17.20
N LEU A 207 6.79 11.67 -16.77
CA LEU A 207 7.63 10.86 -17.67
C LEU A 207 7.10 9.43 -17.72
N ASP A 208 6.51 9.05 -18.86
CA ASP A 208 5.77 7.79 -18.96
C ASP A 208 6.58 6.58 -19.46
N GLY A 209 7.86 6.78 -19.77
CA GLY A 209 8.73 5.68 -20.20
C GLY A 209 8.83 5.46 -21.70
N GLY A 210 8.11 6.25 -22.49
CA GLY A 210 8.22 6.20 -23.94
C GLY A 210 9.32 7.10 -24.46
N ASP A 211 9.42 7.21 -25.79
CA ASP A 211 10.52 7.94 -26.44
C ASP A 211 10.29 9.45 -26.63
N ASN A 212 9.14 9.95 -26.20
CA ASN A 212 8.87 11.38 -26.28
C ASN A 212 9.96 12.21 -25.63
N PRO A 213 10.60 13.12 -26.37
CA PRO A 213 11.57 13.99 -25.74
C PRO A 213 10.88 15.06 -24.89
N LEU A 214 11.64 15.62 -23.95
CA LEU A 214 11.15 16.65 -23.06
C LEU A 214 11.76 17.98 -23.53
N ARG A 215 10.92 19.00 -23.74
CA ARG A 215 11.39 20.36 -24.02
CA ARG A 215 11.40 20.36 -24.00
C ARG A 215 11.38 21.14 -22.71
N VAL A 216 12.53 21.66 -22.31
CA VAL A 216 12.67 22.36 -21.04
C VAL A 216 12.90 23.85 -21.27
N GLN A 217 12.18 24.67 -20.52
CA GLN A 217 12.38 26.11 -20.53
C GLN A 217 12.59 26.59 -19.10
N ILE A 218 13.74 27.22 -18.85
CA ILE A 218 14.04 27.77 -17.53
C ILE A 218 14.04 29.29 -17.56
N GLY A 219 13.24 29.88 -16.67
CA GLY A 219 13.18 31.33 -16.48
C GLY A 219 13.87 31.72 -15.20
N SER A 220 13.77 33.01 -14.84
CA SER A 220 14.39 33.51 -13.59
C SER A 220 13.68 32.98 -12.35
N ASN A 221 12.38 32.70 -12.47
CA ASN A 221 11.58 32.24 -11.33
C ASN A 221 10.71 31.02 -11.57
N ASN A 222 10.84 30.40 -12.75
CA ASN A 222 10.02 29.26 -13.10
C ASN A 222 10.78 28.27 -13.97
N ILE A 223 10.30 27.04 -13.99
CA ILE A 223 10.75 26.04 -14.94
C ILE A 223 9.52 25.43 -15.60
N ARG A 224 9.63 25.12 -16.88
CA ARG A 224 8.55 24.53 -17.63
C ARG A 224 9.08 23.34 -18.40
N ALA A 225 8.28 22.27 -18.45
CA ALA A 225 8.60 21.07 -19.19
C ALA A 225 7.44 20.68 -20.08
N HIS A 226 7.72 20.45 -21.36
CA HIS A 226 6.71 20.02 -22.32
C HIS A 226 7.00 18.59 -22.71
N VAL A 227 6.00 17.71 -22.59
CA VAL A 227 6.13 16.36 -23.16
C VAL A 227 4.79 15.95 -23.76
N GLY A 228 4.82 15.48 -25.00
CA GLY A 228 3.59 15.18 -25.73
C GLY A 228 2.71 16.42 -25.72
N ASP A 229 1.46 16.27 -25.31
CA ASP A 229 0.56 17.42 -25.19
C ASP A 229 0.27 17.74 -23.73
N PHE A 230 1.31 17.67 -22.90
CA PHE A 230 1.26 18.11 -21.51
C PHE A 230 2.28 19.21 -21.32
N ILE A 231 1.93 20.20 -20.50
CA ILE A 231 2.86 21.25 -20.11
C ILE A 231 2.82 21.42 -18.60
N PHE A 232 3.98 21.25 -17.98
CA PHE A 232 4.13 21.41 -16.55
C PHE A 232 4.97 22.65 -16.24
N THR A 233 4.52 23.45 -15.29
CA THR A 233 5.26 24.62 -14.84
C THR A 233 5.38 24.62 -13.33
N SER A 234 6.55 24.99 -12.83
CA SER A 234 6.73 25.16 -11.40
C SER A 234 7.51 26.43 -11.11
N LYS A 235 7.18 27.07 -10.00
CA LYS A 235 8.03 28.10 -9.45
C LYS A 235 9.34 27.48 -9.01
N LEU A 236 10.37 28.31 -8.95
CA LEU A 236 11.69 27.90 -8.47
C LEU A 236 11.86 28.39 -7.04
N VAL A 237 12.94 27.95 -6.40
CA VAL A 237 13.22 28.31 -5.01
C VAL A 237 14.43 29.22 -4.99
N ASP A 238 14.35 30.30 -4.21
CA ASP A 238 15.47 31.23 -4.01
C ASP A 238 16.44 30.63 -3.00
N GLY A 239 17.72 30.97 -3.12
CA GLY A 239 18.72 30.53 -2.14
C GLY A 239 20.08 30.25 -2.74
N ARG A 240 21.08 30.20 -1.86
CA ARG A 240 22.45 29.87 -2.24
C ARG A 240 22.66 28.37 -2.00
N PHE A 241 22.46 27.59 -3.05
CA PHE A 241 22.61 26.14 -2.97
C PHE A 241 24.11 25.85 -2.85
N PRO A 242 24.50 24.89 -1.99
CA PRO A 242 25.92 24.60 -1.85
C PRO A 242 26.56 24.05 -3.13
N ASP A 243 27.86 24.29 -3.27
CA ASP A 243 28.64 23.85 -4.43
C ASP A 243 29.13 22.42 -4.19
N TYR A 244 28.60 21.47 -4.97
CA TYR A 244 28.96 20.06 -4.81
C TYR A 244 30.48 19.83 -4.89
N ARG A 245 31.15 20.62 -5.71
CA ARG A 245 32.61 20.48 -5.89
C ARG A 245 33.36 20.64 -4.57
N ARG A 246 32.84 21.47 -3.67
CA ARG A 246 33.46 21.67 -2.37
C ARG A 246 33.13 20.55 -1.38
N VAL A 247 32.17 19.71 -1.72
CA VAL A 247 31.73 18.61 -0.86
C VAL A 247 32.51 17.33 -1.17
N LEU A 248 32.91 17.16 -2.43
CA LEU A 248 33.66 15.98 -2.85
C LEU A 248 35.00 15.93 -2.13
N PRO A 249 35.28 14.84 -1.40
CA PRO A 249 36.57 14.69 -0.72
C PRO A 249 37.75 14.99 -1.64
N LYS A 250 38.67 15.81 -1.15
CA LYS A 250 39.77 16.32 -1.96
C LYS A 250 40.84 15.30 -2.31
N ASN A 251 41.10 14.36 -1.42
CA ASN A 251 42.19 13.39 -1.59
C ASN A 251 41.94 12.10 -0.81
N PRO A 252 40.91 11.34 -1.21
CA PRO A 252 40.74 10.04 -0.56
C PRO A 252 41.93 9.11 -0.84
N ASP A 253 42.49 8.52 0.20
CA ASP A 253 43.67 7.65 0.02
C ASP A 253 43.39 6.18 0.31
N LYS A 254 42.14 5.88 0.68
CA LYS A 254 41.74 4.53 1.00
C LYS A 254 40.56 4.14 0.13
N HIS A 255 40.71 3.04 -0.63
CA HIS A 255 39.73 2.65 -1.61
C HIS A 255 39.23 1.24 -1.38
N LEU A 256 37.93 1.14 -1.11
CA LEU A 256 37.26 -0.13 -0.99
C LEU A 256 36.41 -0.37 -2.23
N GLU A 257 36.47 -1.57 -2.76
CA GLU A 257 35.56 -2.01 -3.82
C GLU A 257 34.91 -3.30 -3.42
N ALA A 258 33.59 -3.38 -3.61
CA ALA A 258 32.82 -4.54 -3.21
C ALA A 258 31.59 -4.70 -4.09
N GLY A 259 31.04 -5.90 -4.10
CA GLY A 259 29.77 -6.16 -4.76
C GLY A 259 28.70 -5.28 -4.15
N CYS A 260 27.92 -4.65 -5.00
CA CYS A 260 26.90 -3.71 -4.55
C CYS A 260 25.86 -4.43 -3.73
N ASP A 261 25.39 -5.56 -4.23
CA ASP A 261 24.33 -6.27 -3.56
C ASP A 261 24.83 -6.93 -2.28
N LEU A 262 26.03 -7.50 -2.30
CA LEU A 262 26.62 -8.08 -1.07
C LEU A 262 26.75 -7.02 0.02
N LEU A 263 27.23 -5.83 -0.35
CA LEU A 263 27.37 -4.75 0.62
C LEU A 263 26.00 -4.31 1.16
N LYS A 264 25.02 -4.19 0.26
CA LYS A 264 23.67 -3.76 0.63
C LYS A 264 23.04 -4.73 1.63
N GLN A 265 23.14 -6.03 1.33
CA GLN A 265 22.52 -7.03 2.19
C GLN A 265 23.21 -7.16 3.55
N ALA A 266 24.53 -7.01 3.58
CA ALA A 266 25.26 -6.98 4.85
C ALA A 266 24.86 -5.78 5.71
N PHE A 267 24.77 -4.60 5.10
CA PHE A 267 24.29 -3.40 5.80
C PHE A 267 22.89 -3.63 6.36
N ALA A 268 22.00 -4.16 5.52
CA ALA A 268 20.59 -4.35 5.89
C ALA A 268 20.43 -5.36 7.05
N ARG A 269 21.21 -6.43 7.02
CA ARG A 269 21.16 -7.44 8.10
C ARG A 269 21.72 -6.89 9.42
N ALA A 270 22.90 -6.27 9.35
CA ALA A 270 23.51 -5.68 10.53
C ALA A 270 22.58 -4.65 11.18
N ALA A 271 21.89 -3.89 10.35
CA ALA A 271 20.99 -2.82 10.79
C ALA A 271 19.87 -3.33 11.70
N ILE A 272 19.53 -4.60 11.55
CA ILE A 272 18.46 -5.21 12.34
C ILE A 272 18.71 -5.07 13.85
N LEU A 273 19.97 -5.16 14.27
CA LEU A 273 20.36 -5.07 15.66
C LEU A 273 21.09 -3.76 16.00
N SER A 274 20.86 -2.73 15.19
CA SER A 274 21.32 -1.38 15.52
C SER A 274 20.24 -0.68 16.32
N ASN A 275 20.54 0.52 16.79
CA ASN A 275 19.55 1.29 17.55
C ASN A 275 18.37 1.69 16.66
N GLU A 276 17.16 1.36 17.09
CA GLU A 276 15.95 1.59 16.29
C GLU A 276 15.69 3.05 15.91
N LYS A 277 16.09 3.97 16.78
CA LYS A 277 15.80 5.39 16.53
C LYS A 277 16.83 6.03 15.59
N PHE A 278 18.11 5.71 15.80
CA PHE A 278 19.19 6.19 14.94
C PHE A 278 20.00 4.98 14.47
N ARG A 279 19.57 4.37 13.37
CA ARG A 279 20.18 3.12 12.89
C ARG A 279 21.53 3.39 12.23
N GLY A 280 22.60 2.93 12.86
CA GLY A 280 23.95 3.07 12.32
C GLY A 280 24.76 1.79 12.50
N VAL A 281 25.83 1.68 11.72
CA VAL A 281 26.73 0.53 11.82
C VAL A 281 28.19 0.98 11.80
N ARG A 282 29.04 0.19 12.45
CA ARG A 282 30.48 0.44 12.45
C ARG A 282 31.15 -0.40 11.38
N LEU A 283 32.01 0.23 10.60
CA LEU A 283 32.79 -0.44 9.58
C LEU A 283 34.25 -0.48 10.02
N TYR A 284 34.85 -1.66 9.97
CA TYR A 284 36.29 -1.78 10.13
C TYR A 284 36.87 -2.28 8.83
N VAL A 285 37.69 -1.46 8.18
CA VAL A 285 38.35 -1.86 6.95
C VAL A 285 39.77 -2.28 7.28
N SER A 286 40.16 -3.42 6.74
CA SER A 286 41.52 -3.92 6.85
C SER A 286 41.83 -4.68 5.58
N GLU A 287 43.02 -5.24 5.49
CA GLU A 287 43.47 -5.91 4.28
C GLU A 287 42.46 -6.94 3.76
N ASN A 288 41.97 -6.71 2.54
CA ASN A 288 41.04 -7.63 1.85
C ASN A 288 39.72 -7.90 2.57
N GLN A 289 39.34 -7.06 3.53
CA GLN A 289 38.20 -7.38 4.38
C GLN A 289 37.43 -6.16 4.89
N LEU A 290 36.11 -6.32 4.95
CA LEU A 290 35.25 -5.36 5.61
C LEU A 290 34.48 -6.08 6.71
N LYS A 291 34.50 -5.50 7.91
CA LYS A 291 33.69 -5.99 9.01
C LYS A 291 32.68 -4.93 9.37
N ILE A 292 31.40 -5.32 9.40
CA ILE A 292 30.31 -4.43 9.75
C ILE A 292 29.69 -4.94 11.03
N THR A 293 29.54 -4.06 12.01
CA THR A 293 28.93 -4.44 13.28
C THR A 293 27.86 -3.45 13.73
N ALA A 294 26.93 -3.94 14.52
CA ALA A 294 25.88 -3.14 15.09
C ALA A 294 25.52 -3.69 16.44
N ASN A 295 25.04 -2.81 17.32
CA ASN A 295 24.47 -3.23 18.58
C ASN A 295 23.42 -2.23 19.03
N ASN A 296 22.62 -2.63 20.01
CA ASN A 296 21.45 -1.87 20.42
C ASN A 296 21.39 -1.78 21.96
N PRO A 297 20.41 -1.05 22.53
CA PRO A 297 20.37 -0.91 23.99
C PRO A 297 20.19 -2.23 24.76
N GLU A 298 19.56 -3.22 24.13
CA GLU A 298 19.36 -4.53 24.73
C GLU A 298 20.61 -5.42 24.68
N GLN A 299 21.72 -4.87 24.21
CA GLN A 299 23.02 -5.56 24.14
C GLN A 299 23.07 -6.69 23.10
N GLU A 300 22.17 -6.63 22.12
CA GLU A 300 22.19 -7.57 21.00
C GLU A 300 23.23 -7.08 20.01
N GLU A 301 23.87 -8.00 19.30
CA GLU A 301 24.99 -7.65 18.41
C GLU A 301 24.87 -8.37 17.08
N ALA A 302 25.15 -7.66 15.99
CA ALA A 302 25.32 -8.26 14.67
C ALA A 302 26.75 -8.06 14.19
N GLU A 303 27.24 -9.02 13.41
CA GLU A 303 28.54 -8.89 12.76
C GLU A 303 28.49 -9.51 11.36
N GLU A 304 29.02 -8.78 10.39
CA GLU A 304 29.11 -9.24 9.02
C GLU A 304 30.56 -9.08 8.57
N ILE A 305 31.13 -10.15 8.03
CA ILE A 305 32.47 -10.07 7.45
C ILE A 305 32.35 -10.33 5.96
N LEU A 306 32.98 -9.45 5.17
CA LEU A 306 32.93 -9.51 3.72
C LEU A 306 34.34 -9.53 3.17
N ASP A 307 34.60 -10.39 2.19
CA ASP A 307 35.81 -10.30 1.39
C ASP A 307 35.62 -9.14 0.44
N VAL A 308 36.55 -8.20 0.47
CA VAL A 308 36.47 -7.01 -0.38
C VAL A 308 37.82 -6.69 -0.99
N THR A 309 37.82 -5.79 -1.97
CA THR A 309 39.04 -5.24 -2.51
C THR A 309 39.39 -4.01 -1.67
N TYR A 310 40.55 -4.05 -1.02
CA TYR A 310 41.02 -2.96 -0.17
C TYR A 310 42.50 -3.14 0.21
N SER A 311 43.32 -2.12 -0.06
CA SER A 311 44.77 -2.18 0.25
C SER A 311 45.36 -1.02 1.09
N GLY A 312 44.54 0.00 1.42
CA GLY A 312 44.99 1.12 2.24
C GLY A 312 45.17 0.78 3.71
N ALA A 313 45.33 1.79 4.56
CA ALA A 313 45.55 1.58 6.00
C ALA A 313 44.25 1.19 6.71
N GLU A 314 44.37 0.39 7.77
CA GLU A 314 43.22 0.01 8.59
C GLU A 314 42.52 1.23 9.19
N MET A 315 41.20 1.23 9.19
CA MET A 315 40.45 2.26 9.89
C MET A 315 39.08 1.77 10.32
N GLU A 316 38.53 2.44 11.32
CA GLU A 316 37.18 2.20 11.75
C GLU A 316 36.36 3.47 11.49
N ILE A 317 35.12 3.31 11.04
CA ILE A 317 34.27 4.44 10.70
C ILE A 317 32.82 4.00 10.76
N GLY A 318 31.95 4.87 11.30
CA GLY A 318 30.53 4.56 11.39
C GLY A 318 29.72 5.26 10.32
N PHE A 319 28.60 4.64 9.93
CA PHE A 319 27.65 5.26 9.00
C PHE A 319 26.21 5.03 9.39
N ASN A 320 25.38 6.03 9.08
CA ASN A 320 23.94 5.89 9.12
C ASN A 320 23.53 4.89 8.05
N VAL A 321 22.81 3.85 8.48
CA VAL A 321 22.40 2.76 7.60
C VAL A 321 21.57 3.25 6.41
N SER A 322 20.57 4.08 6.69
CA SER A 322 19.65 4.53 5.64
C SER A 322 20.36 5.36 4.57
N TYR A 323 21.34 6.16 4.95
CA TYR A 323 22.10 6.93 3.97
C TYR A 323 22.87 6.03 3.01
N VAL A 324 23.46 4.96 3.53
CA VAL A 324 24.25 4.06 2.69
C VAL A 324 23.33 3.21 1.81
N LEU A 325 22.27 2.65 2.39
CA LEU A 325 21.33 1.83 1.61
C LEU A 325 20.66 2.66 0.52
N ASP A 326 20.29 3.90 0.84
CA ASP A 326 19.75 4.81 -0.17
C ASP A 326 20.66 4.92 -1.39
N VAL A 327 21.95 5.11 -1.15
CA VAL A 327 22.94 5.20 -2.22
C VAL A 327 22.99 3.88 -3.00
N LEU A 328 23.15 2.75 -2.29
CA LEU A 328 23.32 1.45 -2.95
C LEU A 328 22.10 1.04 -3.77
N ASN A 329 20.92 1.40 -3.28
CA ASN A 329 19.68 1.20 -4.03
C ASN A 329 19.58 2.08 -5.27
N ALA A 330 20.18 3.26 -5.21
CA ALA A 330 20.21 4.16 -6.35
C ALA A 330 21.21 3.68 -7.39
N LEU A 331 22.32 3.08 -6.96
CA LEU A 331 23.36 2.64 -7.88
C LEU A 331 22.95 1.49 -8.79
N LYS A 332 22.20 0.52 -8.26
CA LYS A 332 21.68 -0.60 -9.06
C LYS A 332 22.76 -1.20 -9.95
N CYS A 333 23.94 -1.47 -9.39
CA CYS A 333 25.07 -1.87 -10.21
C CYS A 333 25.76 -3.13 -9.70
N GLU A 334 26.81 -3.56 -10.39
CA GLU A 334 27.55 -4.75 -10.01
C GLU A 334 28.49 -4.47 -8.85
N ASN A 335 29.37 -3.49 -9.04
CA ASN A 335 30.40 -3.18 -8.06
C ASN A 335 30.35 -1.71 -7.65
N VAL A 336 30.63 -1.47 -6.38
CA VAL A 336 30.63 -0.13 -5.82
C VAL A 336 32.00 0.18 -5.27
N ARG A 337 32.40 1.44 -5.44
CA ARG A 337 33.64 1.95 -4.87
C ARG A 337 33.32 2.92 -3.77
N MET A 338 34.02 2.77 -2.65
CA MET A 338 33.95 3.69 -1.53
CA MET A 338 33.96 3.69 -1.52
C MET A 338 35.33 4.32 -1.35
N MET A 339 35.37 5.64 -1.37
CA MET A 339 36.62 6.39 -1.30
C MET A 339 36.68 7.10 0.05
N LEU A 340 37.63 6.67 0.88
CA LEU A 340 37.71 7.10 2.27
C LEU A 340 38.98 7.91 2.52
N THR A 341 38.93 8.77 3.53
CA THR A 341 40.04 9.64 3.88
C THR A 341 40.52 9.30 5.29
N ASP A 342 39.65 9.47 6.28
CA ASP A 342 39.93 9.08 7.66
C ASP A 342 38.62 8.87 8.41
N SER A 343 38.70 8.54 9.70
CA SER A 343 37.51 8.14 10.46
C SER A 343 36.53 9.26 10.75
N VAL A 344 36.96 10.51 10.58
CA VAL A 344 36.12 11.67 10.86
C VAL A 344 35.80 12.46 9.59
N SER A 345 35.99 11.85 8.43
CA SER A 345 35.71 12.52 7.16
C SER A 345 34.66 11.82 6.35
N SER A 346 33.96 12.59 5.52
CA SER A 346 32.92 12.03 4.66
C SER A 346 33.52 11.07 3.66
N VAL A 347 32.65 10.22 3.12
CA VAL A 347 33.01 9.18 2.19
C VAL A 347 32.37 9.47 0.83
N GLN A 348 33.07 9.12 -0.24
CA GLN A 348 32.48 9.18 -1.59
C GLN A 348 32.17 7.77 -2.06
N ILE A 349 30.98 7.60 -2.63
CA ILE A 349 30.53 6.31 -3.10
C ILE A 349 30.12 6.45 -4.56
N GLU A 350 30.55 5.50 -5.39
CA GLU A 350 30.26 5.52 -6.83
C GLU A 350 30.11 4.11 -7.36
N ASP A 351 29.39 3.97 -8.46
CA ASP A 351 29.39 2.75 -9.24
C ASP A 351 30.77 2.64 -9.87
N ALA A 352 31.38 1.45 -9.79
CA ALA A 352 32.71 1.24 -10.36
C ALA A 352 32.77 1.43 -11.89
N ALA A 353 31.64 1.23 -12.56
CA ALA A 353 31.58 1.27 -14.01
C ALA A 353 30.91 2.54 -14.57
N SER A 354 30.66 3.52 -13.73
CA SER A 354 30.04 4.76 -14.19
C SER A 354 30.61 5.96 -13.44
N GLN A 355 30.89 7.03 -14.19
CA GLN A 355 31.33 8.30 -13.62
C GLN A 355 30.21 9.35 -13.69
N SER A 356 29.00 8.91 -14.04
CA SER A 356 27.86 9.81 -14.24
C SER A 356 27.25 10.34 -12.94
N ALA A 357 27.47 9.61 -11.84
CA ALA A 357 26.93 10.00 -10.53
C ALA A 357 27.93 9.77 -9.41
N ALA A 358 27.84 10.60 -8.37
CA ALA A 358 28.65 10.42 -7.16
C ALA A 358 27.84 10.78 -5.92
N TYR A 359 28.21 10.17 -4.80
CA TYR A 359 27.50 10.34 -3.54
C TYR A 359 28.51 10.61 -2.44
N VAL A 360 28.18 11.54 -1.55
CA VAL A 360 29.02 11.85 -0.39
C VAL A 360 28.17 11.74 0.85
N VAL A 361 28.71 11.06 1.85
CA VAL A 361 27.97 10.78 3.08
C VAL A 361 28.86 11.06 4.29
N MET A 362 28.35 11.84 5.24
CA MET A 362 29.06 12.11 6.49
C MET A 362 29.26 10.82 7.27
N PRO A 363 30.35 10.71 8.05
CA PRO A 363 30.44 9.60 8.99
C PRO A 363 29.51 9.82 10.17
N MET A 364 29.22 8.74 10.88
CA MET A 364 28.32 8.74 12.03
C MET A 364 29.08 8.18 13.21
N ARG A 365 29.05 8.90 14.33
CA ARG A 365 29.74 8.46 15.54
C ARG A 365 28.85 7.49 16.32
N LEU A 366 29.43 6.38 16.75
CA LEU A 366 28.68 5.32 17.42
C LEU A 366 29.43 4.84 18.67
N MET B 1 19.81 -26.22 23.39
CA MET B 1 19.00 -26.15 22.14
C MET B 1 19.87 -25.74 20.97
N LYS B 2 19.89 -26.58 19.94
CA LYS B 2 20.65 -26.33 18.73
C LYS B 2 19.89 -26.84 17.51
N PHE B 3 19.96 -26.08 16.43
CA PHE B 3 19.49 -26.55 15.13
C PHE B 3 20.17 -25.79 14.00
N THR B 4 20.17 -26.40 12.83
CA THR B 4 20.56 -25.75 11.60
C THR B 4 19.50 -26.06 10.55
N VAL B 5 18.88 -25.03 10.00
CA VAL B 5 17.81 -25.18 9.01
C VAL B 5 18.09 -24.27 7.82
N GLU B 6 17.82 -24.76 6.62
CA GLU B 6 17.95 -23.91 5.45
C GLU B 6 16.90 -22.80 5.46
N ARG B 7 17.31 -21.62 5.03
CA ARG B 7 16.51 -20.39 5.11
C ARG B 7 15.04 -20.55 4.72
N GLU B 8 14.81 -21.09 3.54
CA GLU B 8 13.46 -21.12 2.96
C GLU B 8 12.51 -22.08 3.67
N HIS B 9 13.06 -23.00 4.48
CA HIS B 9 12.22 -23.85 5.31
C HIS B 9 11.72 -23.16 6.58
N LEU B 10 12.38 -22.06 6.97
CA LEU B 10 12.01 -21.28 8.16
C LEU B 10 11.11 -20.08 7.87
N LEU B 11 11.26 -19.50 6.69
CA LEU B 11 10.64 -18.20 6.38
C LEU B 11 9.13 -18.21 6.51
N LYS B 12 8.45 -19.10 5.80
CA LYS B 12 6.99 -19.13 5.87
C LYS B 12 6.46 -19.52 7.26
N PRO B 13 7.07 -20.53 7.91
CA PRO B 13 6.68 -20.78 9.30
C PRO B 13 6.83 -19.56 10.22
N LEU B 14 7.96 -18.85 10.11
CA LEU B 14 8.19 -17.65 10.92
C LEU B 14 7.17 -16.55 10.64
N GLN B 15 6.84 -16.37 9.36
CA GLN B 15 5.87 -15.37 8.95
C GLN B 15 4.49 -15.72 9.50
N GLN B 16 4.10 -16.98 9.33
CA GLN B 16 2.82 -17.50 9.84
C GLN B 16 2.64 -17.36 11.34
N VAL B 17 3.62 -17.83 12.11
CA VAL B 17 3.46 -17.83 13.57
C VAL B 17 3.56 -16.43 14.16
N SER B 18 4.14 -15.50 13.41
CA SER B 18 4.18 -14.10 13.79
C SER B 18 2.83 -13.38 13.55
N GLY B 19 1.90 -14.05 12.86
CA GLY B 19 0.60 -13.47 12.54
C GLY B 19 -0.04 -12.69 13.68
N PRO B 20 -0.29 -13.36 14.83
CA PRO B 20 -0.98 -12.74 15.97
C PRO B 20 -0.21 -11.65 16.70
N LEU B 21 1.06 -11.46 16.38
CA LEU B 21 1.88 -10.46 17.06
C LEU B 21 1.56 -9.07 16.53
N GLY B 22 1.52 -8.09 17.42
CA GLY B 22 1.29 -6.71 17.03
C GLY B 22 2.61 -5.97 16.94
N GLY B 23 2.58 -4.79 16.33
CA GLY B 23 3.58 -3.78 16.59
C GLY B 23 3.24 -3.27 17.98
N ARG B 24 4.23 -2.80 18.72
CA ARG B 24 4.04 -2.42 20.13
C ARG B 24 3.49 -3.60 20.93
N PRO B 25 4.32 -4.64 21.13
CA PRO B 25 3.91 -5.66 22.10
C PRO B 25 3.83 -5.01 23.47
N THR B 26 2.72 -5.19 24.16
CA THR B 26 2.52 -4.55 25.46
C THR B 26 3.63 -4.96 26.45
N LEU B 27 4.00 -6.24 26.45
CA LEU B 27 5.13 -6.72 27.25
C LEU B 27 6.08 -7.51 26.36
N PRO B 28 7.39 -7.49 26.70
CA PRO B 28 8.41 -8.07 25.83
C PRO B 28 8.12 -9.47 25.30
N ILE B 29 7.75 -10.39 26.18
CA ILE B 29 7.58 -11.80 25.80
C ILE B 29 6.50 -12.00 24.72
N LEU B 30 5.51 -11.12 24.68
CA LEU B 30 4.47 -11.19 23.67
C LEU B 30 4.98 -10.85 22.26
N GLY B 31 6.13 -10.19 22.18
CA GLY B 31 6.81 -9.98 20.90
C GLY B 31 7.82 -11.06 20.56
N ASN B 32 7.87 -12.12 21.35
CA ASN B 32 8.78 -13.23 21.11
C ASN B 32 8.08 -14.44 20.54
N LEU B 33 8.84 -15.29 19.87
CA LEU B 33 8.35 -16.58 19.44
C LEU B 33 8.98 -17.64 20.33
N LEU B 34 8.17 -18.64 20.66
CA LEU B 34 8.63 -19.81 21.38
C LEU B 34 9.24 -20.78 20.37
N LEU B 35 10.51 -21.11 20.60
CA LEU B 35 11.24 -22.11 19.82
C LEU B 35 11.43 -23.35 20.68
N GLN B 36 11.04 -24.50 20.17
CA GLN B 36 11.19 -25.77 20.90
C GLN B 36 11.76 -26.82 19.96
N VAL B 37 12.92 -27.38 20.32
CA VAL B 37 13.46 -28.55 19.61
C VAL B 37 13.16 -29.78 20.45
N ALA B 38 12.44 -30.73 19.87
CA ALA B 38 12.11 -31.97 20.55
C ALA B 38 11.71 -33.02 19.52
N ASP B 39 12.23 -34.23 19.71
CA ASP B 39 11.87 -35.37 18.85
C ASP B 39 12.01 -35.06 17.36
N GLY B 40 13.14 -34.47 16.97
CA GLY B 40 13.43 -34.21 15.56
C GLY B 40 12.63 -33.12 14.88
N THR B 41 11.94 -32.30 15.69
CA THR B 41 11.07 -31.25 15.15
C THR B 41 11.34 -29.94 15.88
N LEU B 42 11.44 -28.87 15.11
CA LEU B 42 11.43 -27.50 15.65
C LEU B 42 10.00 -27.01 15.62
N SER B 43 9.48 -26.63 16.77
CA SER B 43 8.17 -25.98 16.81
C SER B 43 8.34 -24.49 17.06
N LEU B 44 7.51 -23.70 16.39
CA LEU B 44 7.51 -22.25 16.52
C LEU B 44 6.13 -21.83 16.97
N THR B 45 6.03 -20.97 17.98
CA THR B 45 4.72 -20.51 18.46
C THR B 45 4.72 -19.00 18.71
N GLY B 46 3.68 -18.35 18.22
CA GLY B 46 3.43 -16.94 18.53
C GLY B 46 2.04 -16.81 19.13
N THR B 47 1.87 -15.85 20.02
CA THR B 47 0.61 -15.69 20.74
C THR B 47 0.36 -14.23 21.06
N ASP B 48 -0.91 -13.90 21.26
CA ASP B 48 -1.31 -12.59 21.79
C ASP B 48 -2.15 -12.74 23.07
N LEU B 49 -2.09 -13.93 23.68
CA LEU B 49 -2.87 -14.30 24.87
C LEU B 49 -4.30 -14.76 24.57
N GLU B 50 -4.85 -14.35 23.44
CA GLU B 50 -6.17 -14.80 23.02
C GLU B 50 -6.09 -15.97 22.06
N MET B 51 -5.03 -16.00 21.24
CA MET B 51 -4.88 -17.08 20.26
C MET B 51 -3.41 -17.37 20.03
N GLU B 52 -3.12 -18.53 19.48
CA GLU B 52 -1.74 -18.89 19.14
C GLU B 52 -1.64 -19.56 17.78
N MET B 53 -0.52 -19.36 17.11
CA MET B 53 -0.24 -20.05 15.85
C MET B 53 1.04 -20.85 16.06
N VAL B 54 0.99 -22.14 15.73
CA VAL B 54 2.10 -23.05 15.94
C VAL B 54 2.48 -23.67 14.59
N ALA B 55 3.79 -23.77 14.34
CA ALA B 55 4.30 -24.40 13.12
C ALA B 55 5.30 -25.50 13.50
N ARG B 56 5.27 -26.63 12.79
CA ARG B 56 6.22 -27.71 13.00
C ARG B 56 7.16 -27.74 11.81
N VAL B 57 8.46 -27.68 12.08
CA VAL B 57 9.47 -27.73 11.03
C VAL B 57 10.35 -28.96 11.24
N ALA B 58 10.30 -29.89 10.29
CA ALA B 58 11.11 -31.09 10.37
C ALA B 58 12.59 -30.72 10.31
N LEU B 59 13.41 -31.40 11.12
CA LEU B 59 14.85 -31.17 11.18
C LEU B 59 15.61 -32.33 10.55
N VAL B 60 16.19 -32.10 9.38
CA VAL B 60 17.03 -33.11 8.70
C VAL B 60 18.53 -32.96 9.01
N GLN B 61 18.90 -31.84 9.62
CA GLN B 61 20.31 -31.60 10.00
C GLN B 61 20.47 -31.86 11.50
N PRO B 62 21.71 -32.10 11.95
CA PRO B 62 21.93 -32.37 13.37
C PRO B 62 21.32 -31.30 14.30
N HIS B 63 20.75 -31.75 15.42
CA HIS B 63 20.09 -30.84 16.36
C HIS B 63 20.19 -31.35 17.80
N GLU B 64 19.96 -30.46 18.75
CA GLU B 64 19.90 -30.81 20.16
C GLU B 64 18.63 -30.21 20.76
N PRO B 65 17.94 -30.96 21.63
CA PRO B 65 16.69 -30.47 22.20
C PRO B 65 16.84 -29.30 23.17
N GLY B 66 15.74 -28.56 23.33
CA GLY B 66 15.67 -27.47 24.29
C GLY B 66 14.71 -26.43 23.77
N ALA B 67 14.49 -25.38 24.55
CA ALA B 67 13.51 -24.38 24.19
C ALA B 67 13.90 -23.01 24.74
N THR B 68 13.48 -21.97 24.04
CA THR B 68 13.66 -20.59 24.50
C THR B 68 12.67 -19.72 23.78
N THR B 69 12.70 -18.42 24.05
CA THR B 69 11.92 -17.46 23.27
C THR B 69 12.81 -16.33 22.80
N VAL B 70 12.55 -15.83 21.59
CA VAL B 70 13.36 -14.75 21.01
C VAL B 70 12.49 -13.77 20.24
N PRO B 71 12.98 -12.53 20.06
CA PRO B 71 12.18 -11.51 19.38
C PRO B 71 11.81 -11.93 17.96
N ALA B 72 10.51 -11.91 17.67
CA ALA B 72 9.98 -12.45 16.43
C ALA B 72 10.44 -11.65 15.20
N ARG B 73 10.27 -10.33 15.28
CA ARG B 73 10.61 -9.43 14.18
C ARG B 73 12.11 -9.49 13.83
N LYS B 74 12.96 -9.39 14.85
CA LYS B 74 14.40 -9.48 14.61
C LYS B 74 14.79 -10.83 14.00
N PHE B 75 14.28 -11.91 14.58
CA PHE B 75 14.65 -13.24 14.10
C PHE B 75 14.15 -13.46 12.67
N PHE B 76 12.92 -13.07 12.38
CA PHE B 76 12.41 -13.19 11.02
C PHE B 76 13.22 -12.33 10.05
N ASP B 77 13.43 -11.06 10.38
CA ASP B 77 14.20 -10.16 9.50
C ASP B 77 15.61 -10.68 9.22
N ILE B 78 16.23 -11.30 10.22
CA ILE B 78 17.56 -11.88 10.03
C ILE B 78 17.46 -13.01 9.02
N CYS B 79 16.55 -13.95 9.27
CA CYS B 79 16.36 -15.07 8.35
C CYS B 79 16.03 -14.61 6.92
N ARG B 80 15.09 -13.68 6.80
CA ARG B 80 14.71 -13.16 5.49
C ARG B 80 15.87 -12.46 4.80
N GLY B 81 16.71 -11.79 5.58
CA GLY B 81 17.78 -10.96 5.03
C GLY B 81 18.99 -11.75 4.55
N LEU B 82 19.11 -13.00 5.02
CA LEU B 82 20.21 -13.84 4.60
C LEU B 82 20.05 -14.29 3.14
N PRO B 83 21.17 -14.68 2.51
CA PRO B 83 21.06 -15.05 1.10
C PRO B 83 20.26 -16.33 0.89
N GLU B 84 19.74 -16.47 -0.31
CA GLU B 84 18.90 -17.59 -0.65
C GLU B 84 19.66 -18.91 -0.51
N GLY B 85 19.06 -19.84 0.22
CA GLY B 85 19.68 -21.12 0.51
C GLY B 85 20.68 -21.10 1.66
N ALA B 86 20.75 -19.98 2.39
CA ALA B 86 21.64 -19.88 3.54
C ALA B 86 21.28 -20.92 4.59
N GLU B 87 22.31 -21.53 5.19
CA GLU B 87 22.11 -22.44 6.31
C GLU B 87 22.13 -21.63 7.60
N ILE B 88 21.03 -21.70 8.34
CA ILE B 88 20.85 -20.90 9.54
C ILE B 88 21.07 -21.78 10.76
N ALA B 89 22.24 -21.61 11.38
CA ALA B 89 22.64 -22.35 12.56
C ALA B 89 22.30 -21.56 13.81
N VAL B 90 21.61 -22.19 14.75
CA VAL B 90 21.14 -21.54 15.97
C VAL B 90 21.64 -22.32 17.19
N GLN B 91 22.15 -21.60 18.18
CA GLN B 91 22.56 -22.20 19.44
C GLN B 91 22.10 -21.36 20.62
N LEU B 92 21.41 -21.99 21.57
CA LEU B 92 20.96 -21.30 22.78
C LEU B 92 22.11 -21.19 23.80
N GLU B 93 22.30 -19.99 24.35
CA GLU B 93 23.30 -19.76 25.38
C GLU B 93 22.73 -18.88 26.49
N GLY B 94 21.80 -19.46 27.23
CA GLY B 94 21.22 -18.79 28.39
C GLY B 94 20.39 -17.58 28.01
N GLU B 95 20.86 -16.41 28.43
CA GLU B 95 20.19 -15.13 28.16
C GLU B 95 20.33 -14.65 26.71
N ARG B 96 21.12 -15.37 25.90
CA ARG B 96 21.29 -15.04 24.48
C ARG B 96 21.07 -16.26 23.60
N MET B 97 20.55 -16.04 22.39
CA MET B 97 20.53 -17.06 21.35
C MET B 97 21.39 -16.59 20.19
N LEU B 98 22.35 -17.41 19.79
CA LEU B 98 23.27 -17.08 18.72
C LEU B 98 22.76 -17.61 17.39
N VAL B 99 22.85 -16.77 16.35
CA VAL B 99 22.47 -17.16 15.01
C VAL B 99 23.65 -16.94 14.08
N ARG B 100 24.01 -17.95 13.30
CA ARG B 100 25.16 -17.88 12.40
C ARG B 100 24.84 -18.46 11.04
N SER B 101 25.36 -17.80 10.02
CA SER B 101 25.24 -18.26 8.65
C SER B 101 26.33 -17.60 7.83
N GLY B 102 27.12 -18.40 7.13
CA GLY B 102 28.30 -17.88 6.44
C GLY B 102 29.16 -17.14 7.43
N ARG B 103 29.44 -15.86 7.15
CA ARG B 103 30.17 -15.02 8.11
C ARG B 103 29.28 -13.90 8.64
N SER B 104 28.00 -14.24 8.82
CA SER B 104 27.03 -13.37 9.45
C SER B 104 26.75 -13.96 10.83
N ARG B 105 26.82 -13.13 11.87
CA ARG B 105 26.59 -13.58 13.24
C ARG B 105 25.64 -12.62 13.94
N PHE B 106 24.74 -13.18 14.75
CA PHE B 106 23.73 -12.38 15.44
C PHE B 106 23.51 -12.94 16.84
N SER B 107 23.34 -12.05 17.81
CA SER B 107 23.06 -12.41 19.20
C SER B 107 21.74 -11.78 19.62
N LEU B 108 20.75 -12.60 19.95
CA LEU B 108 19.44 -12.11 20.35
C LEU B 108 19.19 -12.37 21.82
N SER B 109 18.52 -11.43 22.48
CA SER B 109 18.12 -11.61 23.87
C SER B 109 17.00 -12.61 23.95
N THR B 110 17.04 -13.48 24.96
CA THR B 110 15.99 -14.47 25.16
C THR B 110 15.17 -14.20 26.41
N LEU B 111 13.96 -14.75 26.44
CA LEU B 111 13.17 -14.88 27.65
C LEU B 111 12.82 -16.36 27.81
N PRO B 112 12.77 -16.86 29.07
CA PRO B 112 12.59 -18.29 29.31
C PRO B 112 11.35 -18.90 28.67
N ALA B 113 11.52 -20.05 28.03
CA ALA B 113 10.39 -20.80 27.47
C ALA B 113 9.32 -21.07 28.53
N ALA B 114 9.74 -21.25 29.78
CA ALA B 114 8.82 -21.50 30.89
C ALA B 114 7.87 -20.33 31.19
N ASP B 115 8.24 -19.12 30.79
CA ASP B 115 7.37 -17.96 30.98
C ASP B 115 6.49 -17.65 29.78
N PHE B 116 6.66 -18.39 28.68
CA PHE B 116 5.88 -18.13 27.47
C PHE B 116 4.43 -18.53 27.70
N PRO B 117 3.48 -17.59 27.48
CA PRO B 117 2.09 -17.91 27.75
C PRO B 117 1.63 -19.14 26.95
N ASN B 118 0.85 -20.00 27.60
CA ASN B 118 0.50 -21.31 27.09
C ASN B 118 -1.00 -21.46 27.28
N LEU B 119 -1.76 -21.48 26.18
CA LEU B 119 -3.22 -21.63 26.27
C LEU B 119 -3.54 -22.90 27.04
N ASP B 120 -4.49 -22.80 27.97
CA ASP B 120 -4.90 -23.97 28.75
C ASP B 120 -5.38 -25.11 27.87
N ASP B 121 -5.18 -26.33 28.35
CA ASP B 121 -5.70 -27.49 27.65
C ASP B 121 -7.22 -27.40 27.71
N TRP B 122 -7.86 -27.91 26.66
CA TRP B 122 -9.30 -27.88 26.56
C TRP B 122 -9.72 -29.12 25.79
N GLN B 123 -11.03 -29.33 25.70
CA GLN B 123 -11.57 -30.57 25.14
CA GLN B 123 -11.58 -30.58 25.16
C GLN B 123 -12.43 -30.29 23.92
N SER B 124 -12.16 -31.00 22.84
CA SER B 124 -12.93 -30.85 21.61
C SER B 124 -14.30 -31.51 21.76
N GLU B 125 -15.36 -30.82 21.36
CA GLU B 125 -16.72 -31.36 21.38
C GLU B 125 -17.31 -31.58 19.98
N VAL B 126 -16.68 -31.01 18.95
CA VAL B 126 -17.07 -31.28 17.59
C VAL B 126 -15.86 -31.17 16.69
N GLU B 127 -15.78 -32.06 15.71
CA GLU B 127 -14.64 -32.12 14.81
C GLU B 127 -15.11 -32.44 13.41
N PHE B 128 -14.50 -31.81 12.42
CA PHE B 128 -14.84 -32.09 11.03
C PHE B 128 -13.73 -31.63 10.11
N THR B 129 -13.72 -32.17 8.90
CA THR B 129 -12.78 -31.77 7.88
C THR B 129 -13.55 -31.07 6.78
N LEU B 130 -12.95 -30.05 6.19
CA LEU B 130 -13.54 -29.39 5.02
C LEU B 130 -12.46 -28.82 4.12
N PRO B 131 -12.79 -28.59 2.84
CA PRO B 131 -11.82 -27.98 1.93
C PRO B 131 -11.47 -26.55 2.35
N GLN B 132 -10.21 -26.17 2.14
CA GLN B 132 -9.77 -24.79 2.42
C GLN B 132 -10.62 -23.77 1.71
N ALA B 133 -11.01 -24.08 0.47
CA ALA B 133 -11.86 -23.19 -0.33
C ALA B 133 -13.19 -22.89 0.35
N THR B 134 -13.74 -23.87 1.06
CA THR B 134 -15.02 -23.69 1.75
C THR B 134 -14.89 -22.71 2.93
N MET B 135 -13.82 -22.84 3.70
CA MET B 135 -13.55 -21.91 4.79
C MET B 135 -13.28 -20.49 4.25
N LYS B 136 -12.55 -20.40 3.15
CA LYS B 136 -12.28 -19.14 2.48
C LYS B 136 -13.58 -18.45 2.05
N ARG B 137 -14.46 -19.21 1.41
CA ARG B 137 -15.75 -18.70 0.98
C ARG B 137 -16.54 -18.17 2.18
N LEU B 138 -16.60 -18.98 3.25
CA LEU B 138 -17.38 -18.64 4.45
C LEU B 138 -16.93 -17.33 5.09
N ILE B 139 -15.62 -17.15 5.22
CA ILE B 139 -15.07 -15.97 5.86
C ILE B 139 -15.20 -14.73 4.97
N GLU B 140 -14.82 -14.87 3.71
CA GLU B 140 -14.86 -13.76 2.76
C GLU B 140 -16.28 -13.26 2.51
N ALA B 141 -17.25 -14.16 2.56
CA ALA B 141 -18.65 -13.80 2.35
C ALA B 141 -19.19 -12.87 3.44
N THR B 142 -18.60 -12.91 4.64
CA THR B 142 -19.18 -12.22 5.81
C THR B 142 -18.23 -11.30 6.58
N GLN B 143 -16.92 -11.43 6.41
CA GLN B 143 -15.96 -10.70 7.25
C GLN B 143 -16.16 -9.18 7.26
N PHE B 144 -16.45 -8.61 6.10
CA PHE B 144 -16.64 -7.16 5.97
C PHE B 144 -17.77 -6.60 6.86
N SER B 145 -18.71 -7.43 7.28
CA SER B 145 -19.86 -6.97 8.07
C SER B 145 -19.62 -6.97 9.58
N MET B 146 -18.43 -7.38 10.01
CA MET B 146 -18.08 -7.39 11.43
C MET B 146 -17.92 -5.95 11.91
N ALA B 147 -18.30 -5.69 13.16
CA ALA B 147 -18.12 -4.37 13.75
C ALA B 147 -16.64 -4.10 13.98
N HIS B 148 -16.29 -2.81 14.09
CA HIS B 148 -14.92 -2.41 14.35
C HIS B 148 -14.86 -1.66 15.67
N GLN B 149 -14.25 -2.28 16.68
CA GLN B 149 -14.06 -1.68 18.01
C GLN B 149 -15.37 -1.17 18.61
N ASP B 150 -16.44 -1.93 18.42
CA ASP B 150 -17.74 -1.60 18.99
C ASP B 150 -17.72 -1.98 20.47
N VAL B 151 -18.34 -1.14 21.30
CA VAL B 151 -18.42 -1.41 22.74
C VAL B 151 -19.21 -2.70 23.01
N ARG B 152 -20.11 -3.04 22.10
CA ARG B 152 -20.76 -4.35 22.11
C ARG B 152 -19.78 -5.36 21.53
N TYR B 153 -18.95 -5.92 22.41
CA TYR B 153 -17.75 -6.69 22.03
C TYR B 153 -18.04 -7.86 21.09
N TYR B 154 -19.13 -8.57 21.33
CA TYR B 154 -19.50 -9.74 20.52
C TYR B 154 -19.58 -9.43 19.01
N LEU B 155 -19.98 -8.20 18.67
CA LEU B 155 -20.10 -7.78 17.27
C LEU B 155 -18.75 -7.65 16.56
N ASN B 156 -17.67 -7.53 17.33
CA ASN B 156 -16.33 -7.42 16.78
C ASN B 156 -15.78 -8.76 16.28
N GLY B 157 -16.48 -9.84 16.54
CA GLY B 157 -16.07 -11.17 16.11
C GLY B 157 -16.97 -11.71 15.03
N MET B 158 -16.83 -13.01 14.74
CA MET B 158 -17.63 -13.70 13.73
C MET B 158 -18.22 -14.96 14.33
N LEU B 159 -19.53 -15.14 14.17
CA LEU B 159 -20.19 -16.34 14.65
C LEU B 159 -19.90 -17.49 13.69
N PHE B 160 -19.50 -18.64 14.23
CA PHE B 160 -19.41 -19.87 13.46
C PHE B 160 -20.44 -20.82 14.03
N GLU B 161 -21.23 -21.43 13.15
CA GLU B 161 -22.34 -22.26 13.58
C GLU B 161 -22.33 -23.57 12.79
N THR B 162 -22.35 -24.68 13.51
CA THR B 162 -22.53 -26.00 12.91
C THR B 162 -23.97 -26.39 13.13
N GLU B 163 -24.62 -26.91 12.08
CA GLU B 163 -26.00 -27.37 12.17
C GLU B 163 -26.29 -28.39 11.08
N GLY B 164 -26.47 -29.65 11.48
CA GLY B 164 -26.69 -30.73 10.52
C GLY B 164 -25.49 -30.83 9.60
N GLU B 165 -25.73 -30.83 8.29
CA GLU B 165 -24.66 -30.96 7.31
C GLU B 165 -24.18 -29.60 6.81
N GLU B 166 -24.27 -28.57 7.65
CA GLU B 166 -23.87 -27.23 7.24
C GLU B 166 -23.01 -26.51 8.28
N LEU B 167 -22.03 -25.76 7.76
CA LEU B 167 -21.25 -24.83 8.55
C LEU B 167 -21.60 -23.42 8.10
N ARG B 168 -21.82 -22.54 9.07
CA ARG B 168 -22.32 -21.21 8.80
C ARG B 168 -21.49 -20.14 9.51
N THR B 169 -21.30 -19.00 8.86
CA THR B 169 -20.72 -17.83 9.51
C THR B 169 -21.73 -16.70 9.47
N VAL B 170 -21.69 -15.87 10.50
CA VAL B 170 -22.54 -14.69 10.61
C VAL B 170 -21.71 -13.53 11.14
N ALA B 171 -21.91 -12.36 10.55
CA ALA B 171 -21.26 -11.15 11.00
C ALA B 171 -22.25 -9.99 10.91
N THR B 172 -22.19 -9.10 11.88
CA THR B 172 -23.02 -7.90 11.87
C THR B 172 -22.42 -6.81 12.74
N ASP B 173 -22.72 -5.57 12.39
CA ASP B 173 -22.31 -4.42 13.19
C ASP B 173 -23.50 -3.65 13.75
N GLY B 174 -24.69 -4.25 13.67
CA GLY B 174 -25.93 -3.62 14.14
C GLY B 174 -26.68 -2.90 13.03
N HIS B 175 -25.96 -2.49 11.99
CA HIS B 175 -26.55 -1.77 10.85
C HIS B 175 -26.76 -2.68 9.64
N ARG B 176 -25.82 -3.58 9.41
CA ARG B 176 -25.92 -4.53 8.32
C ARG B 176 -25.41 -5.89 8.78
N LEU B 177 -25.88 -6.93 8.11
CA LEU B 177 -25.60 -8.31 8.50
C LEU B 177 -25.26 -9.15 7.29
N ALA B 178 -24.34 -10.09 7.50
CA ALA B 178 -23.94 -11.06 6.49
C ALA B 178 -24.01 -12.46 7.08
N VAL B 179 -24.59 -13.40 6.33
CA VAL B 179 -24.63 -14.80 6.73
C VAL B 179 -24.32 -15.67 5.50
N CYS B 180 -23.52 -16.70 5.72
CA CYS B 180 -23.17 -17.63 4.67
C CYS B 180 -23.20 -19.05 5.22
N SER B 181 -23.84 -19.96 4.49
CA SER B 181 -23.94 -21.37 4.85
C SER B 181 -23.36 -22.23 3.73
N MET B 182 -22.55 -23.22 4.10
CA MET B 182 -21.95 -24.15 3.13
C MET B 182 -22.06 -25.60 3.60
N PRO B 183 -22.23 -26.53 2.65
CA PRO B 183 -22.35 -27.95 3.00
C PRO B 183 -21.00 -28.56 3.35
N ILE B 184 -20.95 -29.46 4.33
CA ILE B 184 -19.70 -30.16 4.67
C ILE B 184 -19.76 -31.69 4.48
N GLY B 185 -20.95 -32.25 4.26
CA GLY B 185 -21.08 -33.68 3.99
C GLY B 185 -20.83 -34.58 5.20
N GLN B 186 -20.84 -33.99 6.39
CA GLN B 186 -20.74 -34.69 7.66
C GLN B 186 -21.81 -34.08 8.57
N SER B 187 -22.58 -34.92 9.26
CA SER B 187 -23.66 -34.42 10.13
C SER B 187 -23.10 -33.93 11.47
N LEU B 188 -23.28 -32.65 11.75
CA LEU B 188 -22.68 -32.03 12.93
C LEU B 188 -23.71 -31.71 14.00
N PRO B 189 -23.32 -31.84 15.28
CA PRO B 189 -24.18 -31.37 16.36
C PRO B 189 -24.24 -29.86 16.34
N SER B 190 -25.25 -29.30 17.00
CA SER B 190 -25.46 -27.86 16.99
C SER B 190 -24.50 -27.16 17.94
N HIS B 191 -23.62 -26.33 17.38
CA HIS B 191 -22.74 -25.47 18.16
C HIS B 191 -22.78 -24.07 17.58
N SER B 192 -22.66 -23.07 18.44
CA SER B 192 -22.66 -21.69 17.99
C SER B 192 -21.62 -20.94 18.81
N VAL B 193 -20.55 -20.49 18.16
CA VAL B 193 -19.42 -19.88 18.86
C VAL B 193 -18.92 -18.63 18.14
N ILE B 194 -18.37 -17.69 18.91
CA ILE B 194 -17.90 -16.43 18.37
C ILE B 194 -16.36 -16.41 18.32
N VAL B 195 -15.84 -16.31 17.11
CA VAL B 195 -14.41 -16.21 16.88
C VAL B 195 -14.02 -14.73 16.90
N PRO B 196 -12.98 -14.37 17.67
CA PRO B 196 -12.56 -12.96 17.73
C PRO B 196 -11.96 -12.44 16.43
N ARG B 197 -12.00 -11.13 16.26
CA ARG B 197 -11.53 -10.45 15.04
C ARG B 197 -10.22 -10.99 14.49
N LYS B 198 -9.17 -10.96 15.31
CA LYS B 198 -7.85 -11.40 14.88
C LYS B 198 -7.81 -12.89 14.56
N GLY B 199 -8.70 -13.66 15.18
CA GLY B 199 -8.81 -15.10 14.92
C GLY B 199 -9.32 -15.39 13.52
N VAL B 200 -10.28 -14.59 13.08
CA VAL B 200 -10.80 -14.69 11.72
C VAL B 200 -9.69 -14.40 10.71
N ILE B 201 -8.90 -13.37 11.01
CA ILE B 201 -7.76 -13.00 10.17
C ILE B 201 -6.77 -14.16 10.06
N GLU B 202 -6.45 -14.78 11.19
CA GLU B 202 -5.50 -15.90 11.19
C GLU B 202 -5.99 -17.14 10.45
N LEU B 203 -7.26 -17.48 10.63
CA LEU B 203 -7.87 -18.57 9.87
C LEU B 203 -7.69 -18.34 8.38
N MET B 204 -7.99 -17.13 7.92
CA MET B 204 -7.76 -16.80 6.51
C MET B 204 -6.29 -16.89 6.12
N ARG B 205 -5.42 -16.35 6.96
CA ARG B 205 -3.97 -16.34 6.68
C ARG B 205 -3.39 -17.73 6.44
N MET B 206 -3.93 -18.73 7.12
CA MET B 206 -3.34 -20.07 7.07
C MET B 206 -3.84 -20.94 5.92
N LEU B 207 -4.74 -20.42 5.08
CA LEU B 207 -5.22 -21.15 3.92
C LEU B 207 -4.26 -20.96 2.76
N ASP B 208 -3.37 -21.95 2.58
CA ASP B 208 -2.29 -21.85 1.59
C ASP B 208 -2.78 -21.79 0.14
N GLY B 209 -3.94 -22.37 -0.13
CA GLY B 209 -4.54 -22.37 -1.47
C GLY B 209 -4.41 -23.70 -2.19
N GLY B 210 -3.63 -24.62 -1.62
CA GLY B 210 -3.45 -25.96 -2.19
C GLY B 210 -4.58 -26.90 -1.79
N ASP B 211 -4.30 -28.19 -1.89
CA ASP B 211 -5.30 -29.23 -1.62
C ASP B 211 -5.17 -29.87 -0.22
N ASN B 212 -4.35 -29.27 0.64
CA ASN B 212 -4.30 -29.66 2.05
C ASN B 212 -5.66 -29.38 2.71
N PRO B 213 -6.36 -30.42 3.18
CA PRO B 213 -7.66 -30.14 3.81
C PRO B 213 -7.50 -29.44 5.16
N LEU B 214 -8.57 -28.77 5.59
CA LEU B 214 -8.62 -28.10 6.88
C LEU B 214 -9.34 -29.01 7.87
N ARG B 215 -8.73 -29.24 9.04
CA ARG B 215 -9.39 -29.99 10.12
C ARG B 215 -9.74 -29.03 11.24
N VAL B 216 -11.01 -28.97 11.60
CA VAL B 216 -11.49 -28.04 12.63
C VAL B 216 -11.97 -28.81 13.86
N GLN B 217 -11.63 -28.28 15.03
CA GLN B 217 -12.09 -28.79 16.31
C GLN B 217 -12.67 -27.62 17.10
N ILE B 218 -13.86 -27.80 17.68
CA ILE B 218 -14.48 -26.75 18.47
C ILE B 218 -14.84 -27.29 19.85
N GLY B 219 -14.45 -26.55 20.88
CA GLY B 219 -14.84 -26.84 22.26
C GLY B 219 -15.82 -25.78 22.73
N SER B 220 -16.13 -25.77 24.02
CA SER B 220 -17.03 -24.77 24.58
C SER B 220 -16.38 -23.39 24.64
N ASN B 221 -15.05 -23.34 24.73
CA ASN B 221 -14.33 -22.07 24.90
C ASN B 221 -13.16 -21.84 23.95
N ASN B 222 -12.97 -22.74 22.99
CA ASN B 222 -11.83 -22.68 22.06
C ASN B 222 -12.19 -23.23 20.70
N ILE B 223 -11.45 -22.78 19.69
CA ILE B 223 -11.51 -23.35 18.35
C ILE B 223 -10.10 -23.64 17.87
N ARG B 224 -9.93 -24.69 17.09
CA ARG B 224 -8.64 -25.05 16.53
C ARG B 224 -8.78 -25.45 15.07
N ALA B 225 -7.79 -25.06 14.27
CA ALA B 225 -7.76 -25.38 12.86
C ALA B 225 -6.38 -25.94 12.53
N HIS B 226 -6.36 -27.07 11.82
CA HIS B 226 -5.13 -27.72 11.37
C HIS B 226 -5.04 -27.66 9.85
N VAL B 227 -3.96 -27.10 9.34
CA VAL B 227 -3.68 -27.07 7.90
C VAL B 227 -2.20 -27.37 7.73
N GLY B 228 -1.87 -28.43 6.99
CA GLY B 228 -0.49 -28.80 6.76
C GLY B 228 0.25 -28.96 8.08
N ASP B 229 1.33 -28.23 8.26
CA ASP B 229 2.12 -28.32 9.48
C ASP B 229 1.90 -27.13 10.41
N PHE B 230 0.71 -26.54 10.32
CA PHE B 230 0.33 -25.40 11.15
C PHE B 230 -0.89 -25.74 11.98
N ILE B 231 -0.90 -25.29 13.24
CA ILE B 231 -2.07 -25.46 14.09
C ILE B 231 -2.40 -24.11 14.71
N PHE B 232 -3.61 -23.63 14.43
CA PHE B 232 -4.11 -22.40 14.99
C PHE B 232 -5.14 -22.68 16.07
N THR B 233 -4.99 -22.04 17.22
CA THR B 233 -5.95 -22.19 18.32
C THR B 233 -6.32 -20.81 18.83
N SER B 234 -7.63 -20.57 19.01
CA SER B 234 -8.09 -19.31 19.59
C SER B 234 -9.11 -19.57 20.69
N LYS B 235 -9.05 -18.75 21.73
CA LYS B 235 -10.13 -18.68 22.70
C LYS B 235 -11.34 -18.07 22.00
N LEU B 236 -12.53 -18.47 22.42
CA LEU B 236 -13.76 -17.94 21.84
C LEU B 236 -14.24 -16.74 22.64
N VAL B 237 -14.98 -15.86 22.00
CA VAL B 237 -15.53 -14.66 22.65
C VAL B 237 -16.77 -15.03 23.46
N ASP B 238 -16.76 -14.64 24.73
CA ASP B 238 -17.79 -15.05 25.69
C ASP B 238 -19.00 -14.13 25.64
N GLY B 239 -19.87 -14.35 24.67
CA GLY B 239 -21.06 -13.51 24.49
C GLY B 239 -22.18 -14.28 23.84
N ARG B 240 -23.35 -13.66 23.72
CA ARG B 240 -24.46 -14.27 23.00
C ARG B 240 -24.73 -13.46 21.74
N PHE B 241 -24.38 -14.04 20.61
CA PHE B 241 -24.48 -13.38 19.32
C PHE B 241 -25.95 -13.27 18.93
N PRO B 242 -26.34 -12.17 18.25
CA PRO B 242 -27.69 -12.08 17.72
C PRO B 242 -28.05 -13.22 16.77
N ASP B 243 -29.28 -13.68 16.82
CA ASP B 243 -29.77 -14.72 15.92
C ASP B 243 -30.10 -14.08 14.56
N TYR B 244 -29.42 -14.54 13.50
CA TYR B 244 -29.66 -14.02 12.15
C TYR B 244 -31.08 -14.34 11.65
N ARG B 245 -31.61 -15.49 12.05
CA ARG B 245 -32.95 -15.90 11.63
C ARG B 245 -34.00 -14.85 11.96
N ARG B 246 -33.82 -14.17 13.09
CA ARG B 246 -34.76 -13.13 13.56
C ARG B 246 -34.56 -11.79 12.83
N VAL B 247 -33.42 -11.64 12.17
CA VAL B 247 -33.04 -10.39 11.49
C VAL B 247 -33.46 -10.39 10.01
N LEU B 248 -33.60 -11.57 9.41
CA LEU B 248 -34.03 -11.68 8.02
C LEU B 248 -35.46 -11.15 7.89
N PRO B 249 -35.72 -10.24 6.93
CA PRO B 249 -37.09 -9.75 6.76
C PRO B 249 -38.11 -10.89 6.58
N LYS B 250 -39.27 -10.77 7.22
CA LYS B 250 -40.21 -11.89 7.31
C LYS B 250 -40.86 -12.27 5.98
N ASN B 251 -41.39 -11.28 5.26
CA ASN B 251 -41.94 -11.53 3.93
C ASN B 251 -41.80 -10.34 2.99
N PRO B 252 -40.64 -10.22 2.34
CA PRO B 252 -40.43 -9.21 1.30
C PRO B 252 -40.99 -9.68 -0.04
N ASP B 253 -42.21 -9.24 -0.35
CA ASP B 253 -42.92 -9.67 -1.56
C ASP B 253 -42.61 -8.79 -2.79
N LYS B 254 -41.59 -7.94 -2.68
CA LYS B 254 -41.09 -7.16 -3.81
C LYS B 254 -39.69 -7.64 -4.16
N HIS B 255 -39.56 -8.32 -5.30
CA HIS B 255 -38.27 -8.91 -5.73
C HIS B 255 -37.68 -8.21 -6.95
N LEU B 256 -36.43 -7.79 -6.84
CA LEU B 256 -35.70 -7.15 -7.94
C LEU B 256 -34.47 -7.97 -8.29
N GLU B 257 -34.26 -8.23 -9.58
CA GLU B 257 -33.05 -8.90 -10.03
C GLU B 257 -32.34 -8.06 -11.09
N ALA B 258 -31.00 -8.06 -11.01
CA ALA B 258 -30.17 -7.25 -11.91
C ALA B 258 -28.75 -7.79 -11.95
N GLY B 259 -28.01 -7.45 -12.99
CA GLY B 259 -26.62 -7.87 -13.11
C GLY B 259 -25.77 -7.22 -12.03
N CYS B 260 -24.87 -8.00 -11.44
CA CYS B 260 -24.11 -7.54 -10.27
C CYS B 260 -23.14 -6.43 -10.62
N ASP B 261 -22.42 -6.57 -11.72
CA ASP B 261 -21.42 -5.57 -12.09
C ASP B 261 -22.06 -4.25 -12.51
N LEU B 262 -23.12 -4.31 -13.32
CA LEU B 262 -23.86 -3.09 -13.70
C LEU B 262 -24.41 -2.36 -12.48
N LEU B 263 -24.98 -3.11 -11.54
CA LEU B 263 -25.47 -2.53 -10.30
C LEU B 263 -24.31 -1.91 -9.51
N LYS B 264 -23.20 -2.65 -9.40
CA LYS B 264 -22.04 -2.17 -8.66
C LYS B 264 -21.48 -0.87 -9.24
N GLN B 265 -21.23 -0.87 -10.54
CA GLN B 265 -20.61 0.28 -11.20
C GLN B 265 -21.51 1.52 -11.15
N ALA B 266 -22.83 1.32 -11.19
CA ALA B 266 -23.77 2.44 -11.08
C ALA B 266 -23.77 3.02 -9.67
N PHE B 267 -23.82 2.14 -8.66
CA PHE B 267 -23.73 2.59 -7.28
C PHE B 267 -22.40 3.30 -7.03
N ALA B 268 -21.31 2.77 -7.60
CA ALA B 268 -19.98 3.35 -7.42
C ALA B 268 -19.89 4.77 -7.98
N ARG B 269 -20.46 4.98 -9.17
CA ARG B 269 -20.46 6.31 -9.78
C ARG B 269 -21.35 7.28 -9.02
N ALA B 270 -22.56 6.83 -8.65
CA ALA B 270 -23.48 7.66 -7.87
C ALA B 270 -22.87 8.09 -6.53
N ALA B 271 -22.14 7.18 -5.89
CA ALA B 271 -21.50 7.43 -4.59
C ALA B 271 -20.60 8.67 -4.59
N ILE B 272 -20.00 8.95 -5.75
CA ILE B 272 -19.12 10.12 -5.93
C ILE B 272 -19.81 11.41 -5.49
N LEU B 273 -21.10 11.55 -5.77
CA LEU B 273 -21.84 12.76 -5.46
C LEU B 273 -22.79 12.62 -4.26
N SER B 274 -22.58 11.58 -3.45
CA SER B 274 -23.31 11.40 -2.20
C SER B 274 -22.62 12.18 -1.10
N ASN B 275 -23.35 12.43 -0.01
CA ASN B 275 -22.79 13.09 1.18
C ASN B 275 -21.51 12.39 1.62
N GLU B 276 -20.44 13.15 1.85
CA GLU B 276 -19.14 12.57 2.16
C GLU B 276 -19.11 11.80 3.48
N LYS B 277 -19.97 12.20 4.42
CA LYS B 277 -20.08 11.50 5.71
C LYS B 277 -21.15 10.43 5.67
N PHE B 278 -22.37 10.79 5.27
CA PHE B 278 -23.52 9.88 5.37
C PHE B 278 -23.69 8.94 4.18
N ARG B 279 -23.10 9.29 3.04
CA ARG B 279 -22.99 8.39 1.88
C ARG B 279 -24.34 7.88 1.34
N GLY B 280 -25.37 8.71 1.48
CA GLY B 280 -26.70 8.31 1.11
C GLY B 280 -26.99 8.32 -0.38
N VAL B 281 -27.53 7.22 -0.87
CA VAL B 281 -28.12 7.18 -2.22
C VAL B 281 -29.58 6.83 -2.09
N ARG B 282 -30.36 7.19 -3.11
CA ARG B 282 -31.78 6.84 -3.17
C ARG B 282 -32.01 5.87 -4.31
N LEU B 283 -32.84 4.87 -4.06
CA LEU B 283 -33.27 3.94 -5.09
C LEU B 283 -34.74 4.17 -5.38
N TYR B 284 -35.09 4.36 -6.63
CA TYR B 284 -36.48 4.36 -7.04
CA TYR B 284 -36.47 4.40 -7.08
C TYR B 284 -36.70 3.15 -7.93
N VAL B 285 -37.54 2.24 -7.46
CA VAL B 285 -37.85 1.04 -8.19
C VAL B 285 -39.21 1.22 -8.87
N SER B 286 -39.26 0.83 -10.14
CA SER B 286 -40.47 0.91 -10.95
C SER B 286 -40.40 -0.26 -11.91
N GLU B 287 -41.41 -0.41 -12.76
CA GLU B 287 -41.50 -1.60 -13.59
C GLU B 287 -40.24 -1.77 -14.42
N ASN B 288 -39.56 -2.88 -14.18
CA ASN B 288 -38.33 -3.24 -14.89
C ASN B 288 -37.25 -2.17 -14.94
N GLN B 289 -37.25 -1.26 -13.97
CA GLN B 289 -36.27 -0.19 -13.95
C GLN B 289 -35.86 0.17 -12.53
N LEU B 290 -34.56 0.40 -12.35
CA LEU B 290 -34.03 0.94 -11.11
C LEU B 290 -33.38 2.27 -11.44
N LYS B 291 -33.77 3.31 -10.68
CA LYS B 291 -33.10 4.59 -10.76
C LYS B 291 -32.34 4.85 -9.46
N ILE B 292 -31.04 5.07 -9.58
CA ILE B 292 -30.19 5.39 -8.44
C ILE B 292 -29.83 6.87 -8.50
N THR B 293 -30.10 7.59 -7.43
CA THR B 293 -29.69 8.98 -7.37
C THR B 293 -28.86 9.24 -6.13
N ALA B 294 -28.00 10.24 -6.25
CA ALA B 294 -27.26 10.77 -5.12
C ALA B 294 -27.25 12.26 -5.25
N ASN B 295 -27.31 12.95 -4.12
CA ASN B 295 -26.93 14.35 -4.10
C ASN B 295 -26.26 14.71 -2.79
N ASN B 296 -25.51 15.80 -2.85
CA ASN B 296 -24.72 16.26 -1.71
C ASN B 296 -25.13 17.68 -1.36
N PRO B 297 -24.57 18.24 -0.27
CA PRO B 297 -24.88 19.63 0.05
C PRO B 297 -24.33 20.65 -0.96
N GLU B 298 -23.39 20.24 -1.81
CA GLU B 298 -22.94 21.08 -2.92
C GLU B 298 -24.00 21.16 -4.03
N GLN B 299 -25.20 20.62 -3.75
CA GLN B 299 -26.30 20.45 -4.70
C GLN B 299 -25.87 19.88 -6.07
N GLU B 300 -24.88 19.00 -6.02
CA GLU B 300 -24.46 18.21 -7.17
C GLU B 300 -25.32 16.96 -7.17
N GLU B 301 -25.51 16.38 -8.35
CA GLU B 301 -26.45 15.28 -8.52
C GLU B 301 -25.94 14.22 -9.45
N ALA B 302 -26.17 12.96 -9.08
CA ALA B 302 -25.93 11.83 -9.94
C ALA B 302 -27.24 11.10 -10.16
N GLU B 303 -27.42 10.56 -11.36
CA GLU B 303 -28.56 9.72 -11.68
C GLU B 303 -28.09 8.58 -12.57
N GLU B 304 -28.45 7.36 -12.18
CA GLU B 304 -28.16 6.17 -12.94
C GLU B 304 -29.46 5.43 -13.19
N ILE B 305 -29.73 5.07 -14.44
CA ILE B 305 -30.90 4.30 -14.78
C ILE B 305 -30.43 2.93 -15.26
N LEU B 306 -31.01 1.88 -14.69
CA LEU B 306 -30.67 0.50 -15.01
C LEU B 306 -31.93 -0.27 -15.37
N ASP B 307 -31.83 -1.09 -16.39
CA ASP B 307 -32.87 -2.09 -16.69
C ASP B 307 -32.72 -3.23 -15.69
N VAL B 308 -33.81 -3.55 -15.00
CA VAL B 308 -33.81 -4.66 -14.05
C VAL B 308 -35.06 -5.52 -14.28
N THR B 309 -35.17 -6.62 -13.53
CA THR B 309 -36.43 -7.37 -13.49
C THR B 309 -37.16 -7.01 -12.19
N TYR B 310 -38.30 -6.32 -12.33
CA TYR B 310 -39.10 -5.94 -11.16
C TYR B 310 -40.57 -5.73 -11.56
N SER B 311 -41.47 -6.42 -10.84
CA SER B 311 -42.91 -6.37 -11.09
C SER B 311 -43.72 -5.73 -9.96
N GLY B 312 -43.08 -5.41 -8.84
CA GLY B 312 -43.77 -4.92 -7.65
C GLY B 312 -44.21 -3.47 -7.75
N ALA B 313 -44.81 -2.98 -6.67
CA ALA B 313 -45.23 -1.58 -6.60
C ALA B 313 -44.02 -0.67 -6.54
N GLU B 314 -44.18 0.54 -7.06
CA GLU B 314 -43.11 1.51 -7.03
C GLU B 314 -42.83 1.88 -5.58
N MET B 315 -41.55 2.09 -5.28
CA MET B 315 -41.16 2.56 -3.96
C MET B 315 -39.79 3.23 -4.03
N GLU B 316 -39.55 4.09 -3.04
CA GLU B 316 -38.32 4.85 -2.91
C GLU B 316 -37.69 4.43 -1.59
N ILE B 317 -36.39 4.19 -1.58
CA ILE B 317 -35.70 3.76 -0.37
C ILE B 317 -34.26 4.25 -0.40
N GLY B 318 -33.78 4.73 0.74
CA GLY B 318 -32.41 5.23 0.85
C GLY B 318 -31.48 4.23 1.50
N PHE B 319 -30.21 4.25 1.08
CA PHE B 319 -29.18 3.38 1.63
C PHE B 319 -27.82 4.05 1.71
N ASN B 320 -27.05 3.64 2.69
CA ASN B 320 -25.62 3.95 2.76
C ASN B 320 -24.99 3.16 1.62
N VAL B 321 -24.45 3.89 0.64
CA VAL B 321 -23.97 3.25 -0.58
C VAL B 321 -22.75 2.37 -0.30
N SER B 322 -21.98 2.70 0.74
CA SER B 322 -20.85 1.85 1.14
C SER B 322 -21.32 0.47 1.59
N TYR B 323 -22.42 0.41 2.35
CA TYR B 323 -23.00 -0.88 2.75
C TYR B 323 -23.43 -1.70 1.54
N VAL B 324 -24.01 -1.05 0.54
CA VAL B 324 -24.47 -1.75 -0.65
C VAL B 324 -23.29 -2.25 -1.48
N LEU B 325 -22.31 -1.37 -1.68
CA LEU B 325 -21.12 -1.70 -2.44
C LEU B 325 -20.35 -2.87 -1.81
N ASP B 326 -20.23 -2.85 -0.48
CA ASP B 326 -19.59 -3.95 0.27
C ASP B 326 -20.24 -5.31 -0.05
N VAL B 327 -21.56 -5.33 -0.08
CA VAL B 327 -22.30 -6.56 -0.37
C VAL B 327 -22.02 -7.02 -1.81
N LEU B 328 -22.13 -6.10 -2.75
CA LEU B 328 -21.95 -6.41 -4.18
C LEU B 328 -20.53 -6.88 -4.45
N ASN B 329 -19.56 -6.29 -3.76
CA ASN B 329 -18.16 -6.72 -3.86
C ASN B 329 -17.95 -8.10 -3.27
N ALA B 330 -18.72 -8.44 -2.24
CA ALA B 330 -18.64 -9.76 -1.62
C ALA B 330 -19.35 -10.83 -2.45
N LEU B 331 -20.39 -10.45 -3.19
CA LEU B 331 -21.16 -11.44 -3.94
C LEU B 331 -20.40 -11.98 -5.15
N LYS B 332 -19.69 -11.13 -5.88
CA LYS B 332 -18.86 -11.59 -7.01
C LYS B 332 -19.61 -12.64 -7.85
N CYS B 333 -20.77 -12.26 -8.36
CA CYS B 333 -21.60 -13.19 -9.14
C CYS B 333 -22.19 -12.46 -10.35
N GLU B 334 -22.95 -13.19 -11.17
CA GLU B 334 -23.49 -12.60 -12.38
CA GLU B 334 -23.51 -12.62 -12.39
C GLU B 334 -24.69 -11.71 -12.07
N ASN B 335 -25.68 -12.26 -11.37
CA ASN B 335 -26.90 -11.52 -11.04
C ASN B 335 -27.17 -11.52 -9.54
N VAL B 336 -27.83 -10.47 -9.08
CA VAL B 336 -28.15 -10.30 -7.67
C VAL B 336 -29.67 -10.11 -7.52
N ARG B 337 -30.22 -10.63 -6.43
CA ARG B 337 -31.62 -10.39 -6.07
C ARG B 337 -31.69 -9.50 -4.85
N MET B 338 -32.49 -8.43 -4.96
CA MET B 338 -32.81 -7.56 -3.83
C MET B 338 -34.27 -7.77 -3.47
N MET B 339 -34.51 -8.05 -2.18
CA MET B 339 -35.84 -8.34 -1.67
C MET B 339 -36.27 -7.20 -0.76
N LEU B 340 -37.27 -6.43 -1.23
CA LEU B 340 -37.71 -5.22 -0.57
C LEU B 340 -39.06 -5.40 0.10
N THR B 341 -39.30 -4.61 1.14
CA THR B 341 -40.60 -4.56 1.80
C THR B 341 -41.15 -3.13 1.66
N ASP B 342 -40.60 -2.19 2.42
CA ASP B 342 -40.99 -0.77 2.32
C ASP B 342 -39.78 0.13 2.62
N SER B 343 -40.01 1.45 2.60
CA SER B 343 -38.92 2.42 2.73
C SER B 343 -38.37 2.58 4.15
N VAL B 344 -39.00 1.94 5.14
CA VAL B 344 -38.53 2.02 6.52
C VAL B 344 -38.06 0.65 7.04
N SER B 345 -37.90 -0.30 6.13
CA SER B 345 -37.53 -1.68 6.45
C SER B 345 -36.28 -2.09 5.71
N SER B 346 -35.56 -3.06 6.28
CA SER B 346 -34.32 -3.55 5.68
C SER B 346 -34.58 -4.28 4.37
N VAL B 347 -33.55 -4.30 3.51
CA VAL B 347 -33.55 -5.07 2.27
C VAL B 347 -32.73 -6.33 2.49
N GLN B 348 -33.13 -7.43 1.86
CA GLN B 348 -32.29 -8.63 1.82
C GLN B 348 -31.69 -8.77 0.43
N ILE B 349 -30.39 -9.00 0.38
CA ILE B 349 -29.68 -9.12 -0.90
C ILE B 349 -28.97 -10.46 -0.95
N GLU B 350 -29.07 -11.12 -2.10
CA GLU B 350 -28.49 -12.46 -2.31
C GLU B 350 -28.00 -12.60 -3.73
N ASP B 351 -27.12 -13.57 -3.96
CA ASP B 351 -26.84 -14.02 -5.31
C ASP B 351 -28.16 -14.56 -5.84
N ALA B 352 -28.59 -14.09 -7.02
CA ALA B 352 -29.83 -14.58 -7.61
C ALA B 352 -29.79 -16.09 -7.90
N ALA B 353 -28.59 -16.64 -8.03
CA ALA B 353 -28.38 -18.05 -8.36
C ALA B 353 -28.08 -18.96 -7.16
N SER B 354 -27.92 -18.38 -5.97
CA SER B 354 -27.62 -19.19 -4.78
C SER B 354 -28.10 -18.52 -3.53
N GLN B 355 -28.69 -19.31 -2.63
CA GLN B 355 -29.18 -18.81 -1.36
C GLN B 355 -28.14 -19.02 -0.26
N SER B 356 -26.95 -19.50 -0.63
CA SER B 356 -25.90 -19.82 0.35
C SER B 356 -25.47 -18.60 1.17
N ALA B 357 -25.55 -17.41 0.58
CA ALA B 357 -25.21 -16.17 1.27
C ALA B 357 -26.39 -15.19 1.24
N ALA B 358 -26.62 -14.51 2.36
CA ALA B 358 -27.67 -13.51 2.44
C ALA B 358 -27.17 -12.29 3.20
N TYR B 359 -27.62 -11.11 2.76
CA TYR B 359 -27.16 -9.83 3.32
C TYR B 359 -28.35 -8.99 3.66
N VAL B 360 -28.35 -8.43 4.87
CA VAL B 360 -29.45 -7.60 5.35
C VAL B 360 -28.90 -6.22 5.63
N VAL B 361 -29.46 -5.20 4.97
CA VAL B 361 -29.01 -3.82 5.10
C VAL B 361 -30.19 -2.96 5.52
N MET B 362 -30.01 -2.19 6.60
CA MET B 362 -31.05 -1.29 7.07
CA MET B 362 -31.03 -1.27 7.09
C MET B 362 -31.09 -0.04 6.18
N PRO B 363 -32.28 0.52 5.96
CA PRO B 363 -32.38 1.70 5.12
C PRO B 363 -31.95 2.96 5.85
N MET B 364 -31.74 4.05 5.11
CA MET B 364 -31.40 5.35 5.68
C MET B 364 -32.63 6.25 5.69
N ARG B 365 -32.77 7.06 6.74
CA ARG B 365 -33.87 8.01 6.82
C ARG B 365 -33.62 9.18 5.87
N LEU B 366 -34.60 9.46 5.01
CA LEU B 366 -34.43 10.47 3.97
C LEU B 366 -34.93 11.84 4.42
CA CA C . -13.94 11.76 -29.71
CA CA D . 29.70 23.55 -11.12
CA CA E . -0.89 20.56 -10.54
O1 PG4 F . 28.76 14.60 -11.85
C1 PG4 F . 29.12 13.42 -11.12
C2 PG4 F . 30.62 13.19 -11.12
O2 PG4 F . 31.29 14.18 -10.33
C3 PG4 F . 32.72 14.22 -10.47
C4 PG4 F . 33.20 15.68 -10.43
O3 PG4 F . 33.75 16.09 -11.69
C5 PG4 F . 33.67 17.50 -11.95
C6 PG4 F . 33.89 17.75 -13.45
O4 PG4 F . 32.90 18.66 -13.94
C7 PG4 F . 33.17 19.11 -15.27
C8 PG4 F . 32.66 18.11 -16.31
O5 PG4 F . 33.56 18.05 -17.43
O1 PG4 G . 12.18 34.92 -23.92
C1 PG4 G . 11.19 34.41 -23.05
C2 PG4 G . 9.86 35.12 -23.20
O2 PG4 G . 8.96 34.42 -24.07
C3 PG4 G . 7.67 34.17 -23.51
C4 PG4 G . 7.10 32.91 -24.14
O3 PG4 G . 7.10 31.82 -23.21
C5 PG4 G . 7.53 30.57 -23.78
C6 PG4 G . 6.62 30.12 -24.92
O4 PG4 G . 7.37 29.36 -25.88
C7 PG4 G . 6.83 29.45 -27.20
C8 PG4 G . 7.51 30.57 -27.99
O5 PG4 G . 6.55 31.55 -28.43
C1 PEG H . -17.62 32.72 -19.94
O1 PEG H . -16.71 33.13 -20.99
C2 PEG H . -17.30 31.29 -19.54
O2 PEG H . -18.33 30.39 -19.93
C3 PEG H . -18.50 30.29 -21.35
C4 PEG H . -19.35 29.06 -21.64
O4 PEG H . -19.76 29.02 -23.01
CAR SFK I . 27.07 16.03 2.79
CAQ SFK I . 28.06 16.64 3.78
CAS SFK I . 29.33 15.76 3.87
CAP SFK I . 28.43 18.02 3.29
CAO SFK I . 29.11 18.71 4.45
CAM SFK I . 29.46 20.09 3.90
OAN SFK I . 30.40 20.23 3.12
N SFK I . 28.65 21.09 4.27
CA SFK I . 28.86 22.49 3.82
C SFK I . 28.40 23.43 4.93
O SFK I . 28.52 24.65 4.72
OXT SFK I . 27.91 22.91 5.95
CB SFK I . 28.11 22.80 2.52
CG SFK I . 26.78 22.33 2.60
CD1 SFK I . 25.76 23.13 3.16
CE1 SFK I . 24.44 22.68 3.22
CZ SFK I . 24.12 21.42 2.72
CE2 SFK I . 25.12 20.61 2.17
CD2 SFK I . 26.43 21.07 2.10
CA CA J . 22.08 -24.17 1.47
O1 PG4 K . 4.96 -5.69 13.08
C1 PG4 K . 3.95 -6.68 13.26
C2 PG4 K . 4.52 -7.88 14.02
O2 PG4 K . 5.60 -8.45 13.29
C3 PG4 K . 6.24 -9.51 13.99
C4 PG4 K . 7.18 -10.27 13.07
O3 PG4 K . 6.53 -10.55 11.83
C5 PG4 K . 7.37 -11.30 10.95
C6 PG4 K . 6.69 -11.44 9.59
O4 PG4 K . 6.64 -10.17 8.95
C7 PG4 K . 6.02 -10.24 7.67
C8 PG4 K . 5.98 -8.86 7.03
O5 PG4 K . 7.29 -8.28 7.06
O1 PG4 L . 10.45 -13.31 2.27
C1 PG4 L . 11.38 -13.28 1.18
C2 PG4 L . 11.22 -14.56 0.36
O2 PG4 L . 12.41 -14.80 -0.41
C3 PG4 L . 12.37 -14.16 -1.68
C4 PG4 L . 13.78 -13.79 -2.12
O3 PG4 L . 14.76 -14.43 -1.32
C5 PG4 L . 16.08 -13.94 -1.56
C6 PG4 L . 16.26 -12.63 -0.82
O4 PG4 L . 17.54 -12.54 -0.20
C7 PG4 L . 17.56 -11.61 0.88
C8 PG4 L . 17.77 -10.19 0.37
O5 PG4 L . 16.57 -9.41 0.53
CL CL M . 17.12 -27.76 6.52
#